data_4PFD
#
_entry.id   4PFD
#
_cell.length_a   59.521
_cell.length_b   84.129
_cell.length_c   90.149
_cell.angle_alpha   90.00
_cell.angle_beta   100.73
_cell.angle_gamma   90.00
#
_symmetry.space_group_name_H-M   'P 1 21 1'
#
loop_
_entity.id
_entity.type
_entity.pdbx_description
1 polymer 'Probable decaprenylphosphoryl-beta-D-ribose oxidase'
2 non-polymer 'FLAVIN-ADENINE DINUCLEOTIDE'
3 non-polymer IMIDAZOLE
4 non-polymer [4-(2-methoxyethyl)piperazin-1-yl][6-methyl-7-nitro-5-(trifluoromethyl)-1,3-benzothiazol-2-yl]methanone
5 water water
#
_entity_poly.entity_id   1
_entity_poly.type   'polypeptide(L)'
_entity_poly.pdbx_seq_one_letter_code
;GSSHHHHHHSSGLVPRGSHMLSVGATTTATRLTGWGRTAPSVANVLRTPDAEMIVKAVARVAESGGGRGAIARGLGRSYG
DNAQNGGGLVIDMTPLNTIHSIDADTKLVDIDAGVNLDQLMKAALPFGLWVPVLPGTRQVTVGGAIACDIHGKNHHSAGS
FGNHVRSMDLLTADGEIRHLTPTGEDAELFWATVGGNGLTGIIMRATIEMTPTSTAYFIADGDVTASLDETIALHSDGSE
ARYTYSSAWFDAISAPPKLGRAAVSRGRLATVEQLPAKLRSEPLKFDAPQLLTLPDVFPNGLANKYTFGPIGELWYRKSG
TYRGKVQNLTQFYHPLDMFGEWNRAYGPAGFLQYQFVIPTEAVDEFKKIIGVIQASGHYSFLNVFKLFGPRNQAPLSFPI
PGWNICVDFPIKDGLGKFVSELDRRVLEFGGRLYTAKDSRTTAETFHAMYPRVDEWISVRRKVDPLRVFASDMARRLELL
;
_entity_poly.pdbx_strand_id   A,B
#
# COMPACT_ATOMS: atom_id res chain seq x y z
N THR A 26 31.15 6.18 26.19
CA THR A 26 32.03 5.09 25.66
C THR A 26 32.62 5.47 24.28
N THR A 27 32.39 6.72 23.88
CA THR A 27 32.85 7.22 22.57
C THR A 27 34.37 7.30 22.48
N THR A 28 34.92 6.79 21.38
CA THR A 28 36.36 6.84 21.13
C THR A 28 36.66 7.42 19.75
N ALA A 29 37.67 8.27 19.69
CA ALA A 29 38.08 8.92 18.44
C ALA A 29 38.60 7.92 17.43
N THR A 30 38.01 7.92 16.24
CA THR A 30 38.35 6.95 15.20
C THR A 30 38.43 7.61 13.82
N ARG A 31 39.39 7.16 13.01
CA ARG A 31 39.53 7.60 11.63
C ARG A 31 38.62 6.76 10.75
N LEU A 32 37.71 7.42 10.05
CA LEU A 32 36.66 6.73 9.29
C LEU A 32 36.66 7.04 7.80
N THR A 33 36.57 5.99 6.99
CA THR A 33 36.43 6.10 5.54
C THR A 33 35.26 5.26 5.07
N GLY A 34 34.80 5.50 3.84
CA GLY A 34 33.85 4.62 3.19
C GLY A 34 34.56 3.37 2.68
N TRP A 35 33.85 2.55 1.90
CA TRP A 35 34.43 1.32 1.35
C TRP A 35 35.51 1.61 0.33
N GLY A 36 35.46 2.80 -0.26
CA GLY A 36 36.46 3.21 -1.25
C GLY A 36 37.78 3.68 -0.66
N ARG A 37 37.86 3.75 0.67
CA ARG A 37 39.05 4.21 1.40
C ARG A 37 39.46 5.65 1.05
N THR A 38 38.49 6.51 0.79
CA THR A 38 38.75 7.90 0.40
C THR A 38 38.11 8.90 1.36
N ALA A 39 38.54 10.16 1.27
CA ALA A 39 38.05 11.26 2.11
C ALA A 39 37.92 10.89 3.60
N PRO A 40 39.06 10.61 4.27
CA PRO A 40 39.01 10.24 5.70
C PRO A 40 38.72 11.43 6.61
N SER A 41 37.98 11.17 7.68
CA SER A 41 37.70 12.18 8.70
C SER A 41 37.55 11.55 10.08
N VAL A 42 38.09 12.21 11.09
CA VAL A 42 38.09 11.69 12.46
C VAL A 42 36.80 12.06 13.18
N ALA A 43 36.20 11.08 13.86
CA ALA A 43 34.98 11.29 14.63
C ALA A 43 34.95 10.44 15.90
N ASN A 44 34.16 10.87 16.87
CA ASN A 44 33.89 10.07 18.06
C ASN A 44 32.86 8.99 17.74
N VAL A 45 33.25 7.73 17.90
CA VAL A 45 32.37 6.60 17.58
C VAL A 45 31.82 5.95 18.84
N LEU A 46 30.49 5.93 18.95
CA LEU A 46 29.80 5.23 20.03
C LEU A 46 29.48 3.80 19.60
N ARG A 47 29.90 2.84 20.41
CA ARG A 47 29.63 1.42 20.18
C ARG A 47 28.95 0.80 21.39
N THR A 48 27.61 0.76 21.36
CA THR A 48 26.83 0.20 22.47
C THR A 48 25.59 -0.56 21.99
N PRO A 49 25.35 -1.75 22.58
CA PRO A 49 24.12 -2.52 22.30
C PRO A 49 22.92 -2.00 23.09
N ASP A 50 23.16 -1.04 23.98
CA ASP A 50 22.11 -0.44 24.79
C ASP A 50 21.44 0.69 24.03
N ALA A 51 20.16 0.49 23.72
CA ALA A 51 19.35 1.47 22.99
C ALA A 51 19.22 2.79 23.75
N GLU A 52 19.14 2.70 25.08
CA GLU A 52 18.95 3.87 25.93
C GLU A 52 20.17 4.79 25.96
N MET A 53 21.36 4.21 25.77
CA MET A 53 22.60 4.98 25.69
C MET A 53 22.68 5.79 24.39
N ILE A 54 22.10 5.24 23.32
CA ILE A 54 22.03 5.93 22.03
C ILE A 54 21.04 7.09 22.10
N VAL A 55 19.94 6.89 22.81
CA VAL A 55 18.93 7.94 23.02
C VAL A 55 19.53 9.12 23.80
N LYS A 56 20.29 8.81 24.85
CA LYS A 56 20.95 9.83 25.66
C LYS A 56 22.03 10.59 24.89
N ALA A 57 22.80 9.87 24.08
CA ALA A 57 23.84 10.47 23.25
C ALA A 57 23.28 11.49 22.26
N VAL A 58 22.13 11.17 21.66
CA VAL A 58 21.43 12.08 20.75
C VAL A 58 20.87 13.29 21.50
N ALA A 59 20.36 13.05 22.70
CA ALA A 59 19.88 14.12 23.58
C ALA A 59 21.00 15.06 24.03
N ARG A 60 22.20 14.50 24.19
CA ARG A 60 23.39 15.25 24.55
C ARG A 60 23.82 16.21 23.43
N VAL A 61 23.67 15.76 22.18
CA VAL A 61 23.99 16.58 21.00
C VAL A 61 22.94 17.69 20.83
N ALA A 62 21.69 17.39 21.17
CA ALA A 62 20.60 18.36 21.11
C ALA A 62 20.74 19.47 22.16
N GLU A 63 21.31 19.13 23.31
CA GLU A 63 21.59 20.10 24.37
C GLU A 63 22.75 21.03 24.01
N SER A 64 23.66 20.52 23.19
CA SER A 64 24.82 21.28 22.72
C SER A 64 24.45 22.27 21.60
N GLY A 65 23.17 22.30 21.26
CA GLY A 65 22.65 23.20 20.21
C GLY A 65 22.74 22.62 18.81
N GLY A 66 23.36 21.44 18.70
CA GLY A 66 23.59 20.80 17.41
C GLY A 66 25.07 20.53 17.19
N GLY A 67 25.88 21.60 17.26
CA GLY A 67 27.32 21.52 17.09
C GLY A 67 27.71 20.96 15.74
N ARG A 68 28.46 19.85 15.76
CA ARG A 68 28.87 19.17 14.54
C ARG A 68 27.88 18.05 14.18
N GLY A 69 27.12 17.58 15.17
CA GLY A 69 26.02 16.66 14.93
C GLY A 69 26.32 15.19 15.10
N ALA A 70 25.39 14.35 14.65
CA ALA A 70 25.51 12.90 14.76
C ALA A 70 24.96 12.18 13.52
N ILE A 71 25.61 11.09 13.14
CA ILE A 71 25.13 10.23 12.06
C ILE A 71 25.25 8.75 12.46
N ALA A 72 24.33 7.93 11.97
CA ALA A 72 24.41 6.50 12.19
C ALA A 72 25.40 5.86 11.20
N ARG A 73 25.84 4.65 11.54
CA ARG A 73 26.75 3.90 10.68
C ARG A 73 26.44 2.42 10.77
N GLY A 74 26.25 1.78 9.61
CA GLY A 74 26.03 0.34 9.55
C GLY A 74 27.37 -0.38 9.47
N LEU A 75 27.53 -1.18 8.42
CA LEU A 75 28.76 -1.96 8.22
C LEU A 75 29.79 -1.23 7.36
N GLY A 76 29.47 0.02 7.00
CA GLY A 76 30.40 0.88 6.26
C GLY A 76 30.65 0.44 4.82
N ARG A 77 29.65 -0.17 4.19
CA ARG A 77 29.79 -0.67 2.83
C ARG A 77 29.53 0.37 1.74
N SER A 78 28.96 1.51 2.13
CA SER A 78 28.86 2.64 1.22
C SER A 78 30.26 3.13 0.89
N TYR A 79 30.51 3.38 -0.38
CA TYR A 79 31.83 3.81 -0.84
C TYR A 79 32.14 5.25 -0.46
N GLY A 80 31.12 6.08 -0.36
CA GLY A 80 31.29 7.51 -0.12
C GLY A 80 31.41 7.93 1.33
N ASP A 81 30.89 9.11 1.63
CA ASP A 81 31.09 9.78 2.92
C ASP A 81 29.78 10.02 3.70
N ASN A 82 28.77 9.20 3.44
CA ASN A 82 27.48 9.35 4.10
C ASN A 82 27.42 8.80 5.53
N ALA A 83 28.33 7.89 5.86
CA ALA A 83 28.37 7.28 7.19
C ALA A 83 29.52 7.80 8.06
N GLN A 84 29.96 9.03 7.78
CA GLN A 84 31.02 9.66 8.57
C GLN A 84 30.69 11.12 8.89
N ASN A 85 31.16 11.59 10.04
CA ASN A 85 30.89 12.95 10.51
C ASN A 85 32.11 13.58 11.16
N GLY A 86 32.97 14.18 10.33
CA GLY A 86 34.23 14.76 10.77
C GLY A 86 34.11 15.79 11.88
N GLY A 87 34.70 15.47 13.04
CA GLY A 87 34.67 16.35 14.20
C GLY A 87 33.37 16.28 14.99
N GLY A 88 32.56 15.27 14.69
CA GLY A 88 31.27 15.08 15.36
C GLY A 88 31.10 13.67 15.90
N LEU A 89 29.84 13.26 16.07
CA LEU A 89 29.52 11.94 16.59
C LEU A 89 29.10 10.97 15.48
N VAL A 90 29.60 9.74 15.57
CA VAL A 90 29.17 8.65 14.70
C VAL A 90 28.71 7.50 15.59
N ILE A 91 27.48 7.06 15.38
CA ILE A 91 26.93 5.97 16.18
C ILE A 91 26.90 4.65 15.40
N ASP A 92 27.75 3.72 15.82
CA ASP A 92 27.84 2.39 15.21
C ASP A 92 26.64 1.56 15.64
N MET A 93 25.84 1.14 14.66
CA MET A 93 24.57 0.47 14.94
C MET A 93 24.64 -1.05 14.97
N THR A 94 25.79 -1.61 14.56
CA THR A 94 25.95 -3.06 14.43
C THR A 94 25.79 -3.91 15.70
N PRO A 95 26.02 -3.32 16.91
CA PRO A 95 25.69 -4.07 18.12
C PRO A 95 24.19 -4.33 18.33
N LEU A 96 23.34 -3.45 17.80
CA LEU A 96 21.90 -3.70 17.79
C LEU A 96 21.54 -4.70 16.68
N ASN A 97 21.79 -5.98 16.96
CA ASN A 97 21.64 -7.02 15.94
C ASN A 97 20.66 -8.13 16.32
N THR A 98 19.68 -7.81 17.16
CA THR A 98 18.68 -8.77 17.60
C THR A 98 17.56 -8.93 16.57
N ILE A 99 17.30 -10.18 16.18
CA ILE A 99 16.11 -10.52 15.41
C ILE A 99 15.01 -10.84 16.41
N HIS A 100 13.99 -9.98 16.46
CA HIS A 100 12.93 -10.09 17.47
C HIS A 100 11.93 -11.17 17.16
N SER A 101 11.47 -11.22 15.91
CA SER A 101 10.52 -12.24 15.46
C SER A 101 10.53 -12.44 13.96
N ILE A 102 10.27 -13.68 13.55
CA ILE A 102 10.01 -14.02 12.16
C ILE A 102 8.70 -14.81 12.10
N ASP A 103 7.81 -14.40 11.21
CA ASP A 103 6.50 -15.03 11.09
C ASP A 103 6.27 -15.48 9.65
N ALA A 104 5.98 -16.76 9.46
CA ALA A 104 5.77 -17.34 8.13
C ALA A 104 4.37 -17.06 7.59
N ASP A 105 3.40 -16.88 8.49
CA ASP A 105 2.01 -16.61 8.10
C ASP A 105 1.87 -15.19 7.54
N THR A 106 2.38 -14.20 8.28
CA THR A 106 2.30 -12.80 7.89
C THR A 106 3.44 -12.39 6.97
N LYS A 107 4.47 -13.23 6.89
CA LYS A 107 5.68 -12.98 6.08
C LYS A 107 6.52 -11.82 6.61
N LEU A 108 6.27 -11.43 7.86
CA LEU A 108 6.94 -10.28 8.47
C LEU A 108 8.10 -10.69 9.37
N VAL A 109 9.18 -9.92 9.29
CA VAL A 109 10.30 -10.03 10.22
C VAL A 109 10.43 -8.72 11.00
N ASP A 110 10.69 -8.83 12.30
CA ASP A 110 10.87 -7.68 13.17
C ASP A 110 12.31 -7.69 13.68
N ILE A 111 13.12 -6.77 13.19
CA ILE A 111 14.56 -6.78 13.49
C ILE A 111 15.10 -5.42 13.93
N ASP A 112 16.16 -5.44 14.73
CA ASP A 112 16.95 -4.25 15.04
C ASP A 112 17.66 -3.78 13.79
N ALA A 113 17.92 -2.48 13.71
CA ALA A 113 18.51 -1.89 12.50
C ALA A 113 19.94 -2.36 12.20
N GLY A 114 20.60 -2.95 13.19
CA GLY A 114 21.99 -3.38 13.06
C GLY A 114 22.21 -4.80 12.54
N VAL A 115 21.16 -5.61 12.52
CA VAL A 115 21.25 -6.94 11.89
C VAL A 115 21.50 -6.80 10.40
N ASN A 116 22.39 -7.63 9.87
CA ASN A 116 22.76 -7.58 8.46
C ASN A 116 21.94 -8.54 7.61
N LEU A 117 22.01 -8.37 6.29
CA LEU A 117 21.20 -9.14 5.35
C LEU A 117 21.62 -10.60 5.25
N ASP A 118 22.90 -10.88 5.52
CA ASP A 118 23.40 -12.26 5.56
C ASP A 118 22.77 -13.00 6.74
N GLN A 119 22.83 -12.38 7.92
CA GLN A 119 22.20 -12.87 9.14
C GLN A 119 20.70 -13.08 8.96
N LEU A 120 20.02 -12.09 8.37
CA LEU A 120 18.59 -12.17 8.13
C LEU A 120 18.23 -13.27 7.13
N MET A 121 19.02 -13.39 6.07
CA MET A 121 18.83 -14.44 5.06
C MET A 121 18.89 -15.83 5.68
N LYS A 122 19.92 -16.07 6.49
CA LYS A 122 20.12 -17.36 7.15
C LYS A 122 18.99 -17.70 8.11
N ALA A 123 18.53 -16.70 8.87
CA ALA A 123 17.48 -16.89 9.86
C ALA A 123 16.09 -17.11 9.24
N ALA A 124 15.83 -16.45 8.12
CA ALA A 124 14.50 -16.47 7.51
C ALA A 124 14.23 -17.68 6.61
N LEU A 125 15.28 -18.27 6.04
CA LEU A 125 15.16 -19.42 5.13
C LEU A 125 14.34 -20.61 5.66
N PRO A 126 14.57 -21.04 6.92
CA PRO A 126 13.78 -22.15 7.47
C PRO A 126 12.28 -21.86 7.57
N PHE A 127 11.89 -20.60 7.44
CA PHE A 127 10.47 -20.21 7.46
C PHE A 127 9.87 -20.20 6.06
N GLY A 128 10.69 -20.54 5.06
CA GLY A 128 10.29 -20.45 3.66
C GLY A 128 10.15 -19.00 3.24
N LEU A 129 11.07 -18.17 3.74
CA LEU A 129 11.05 -16.73 3.47
C LEU A 129 12.38 -16.26 2.89
N TRP A 130 12.30 -15.23 2.06
CA TRP A 130 13.43 -14.73 1.28
C TRP A 130 13.53 -13.25 1.42
N VAL A 131 14.75 -12.76 1.65
CA VAL A 131 15.01 -11.31 1.72
C VAL A 131 14.61 -10.69 0.38
N PRO A 132 13.62 -9.78 0.40
CA PRO A 132 12.99 -9.27 -0.82
C PRO A 132 13.92 -8.51 -1.77
N VAL A 133 14.93 -7.84 -1.21
CA VAL A 133 15.94 -7.14 -2.01
C VAL A 133 17.34 -7.45 -1.46
N LEU A 134 18.19 -8.03 -2.32
CA LEU A 134 19.56 -8.34 -1.95
C LEU A 134 20.54 -7.62 -2.87
N PRO A 135 21.54 -6.93 -2.29
CA PRO A 135 22.54 -6.25 -3.09
C PRO A 135 23.73 -7.15 -3.41
N GLY A 136 24.76 -6.59 -4.05
CA GLY A 136 25.97 -7.34 -4.45
C GLY A 136 26.74 -7.97 -3.30
N THR A 137 26.53 -7.44 -2.10
CA THR A 137 27.11 -8.00 -0.89
C THR A 137 26.02 -8.15 0.18
N ARG A 138 26.11 -9.20 0.99
CA ARG A 138 25.15 -9.42 2.06
C ARG A 138 25.61 -8.78 3.37
N GLN A 139 26.74 -8.10 3.34
CA GLN A 139 27.29 -7.42 4.51
C GLN A 139 26.80 -5.97 4.60
N VAL A 140 25.48 -5.80 4.59
CA VAL A 140 24.88 -4.49 4.83
C VAL A 140 23.79 -4.61 5.90
N THR A 141 23.66 -3.58 6.73
CA THR A 141 22.65 -3.58 7.79
C THR A 141 21.28 -3.21 7.23
N VAL A 142 20.24 -3.53 8.00
CA VAL A 142 18.87 -3.14 7.67
C VAL A 142 18.76 -1.61 7.63
N GLY A 143 19.44 -0.96 8.58
CA GLY A 143 19.51 0.51 8.62
C GLY A 143 20.14 1.10 7.38
N GLY A 144 21.27 0.52 6.97
CA GLY A 144 21.96 0.93 5.74
C GLY A 144 21.17 0.63 4.49
N ALA A 145 20.39 -0.45 4.53
CA ALA A 145 19.55 -0.87 3.41
C ALA A 145 18.39 0.12 3.16
N ILE A 146 17.80 0.62 4.25
CA ILE A 146 16.70 1.57 4.16
C ILE A 146 17.22 2.97 3.80
N ALA A 147 18.27 3.41 4.50
CA ALA A 147 18.82 4.76 4.34
C ALA A 147 19.39 5.03 2.95
N CYS A 148 19.82 3.99 2.25
CA CYS A 148 20.29 4.10 0.88
C CYS A 148 19.26 3.57 -0.12
N ASP A 149 18.12 3.11 0.39
CA ASP A 149 17.05 2.49 -0.42
C ASP A 149 17.65 1.56 -1.47
N ILE A 150 18.34 0.53 -0.99
CA ILE A 150 19.15 -0.34 -1.86
C ILE A 150 18.34 -1.14 -2.88
N HIS A 151 19.00 -1.48 -3.98
CA HIS A 151 18.39 -2.23 -5.07
C HIS A 151 19.17 -3.49 -5.33
N GLY A 152 18.54 -4.42 -6.05
CA GLY A 152 19.18 -5.67 -6.40
C GLY A 152 18.86 -6.13 -7.81
N LYS A 153 19.16 -7.40 -8.07
CA LYS A 153 18.96 -8.03 -9.38
C LYS A 153 17.49 -8.07 -9.77
N ASN A 154 16.61 -7.93 -8.78
CA ASN A 154 15.17 -8.04 -8.99
C ASN A 154 14.40 -6.72 -8.94
N HIS A 155 15.08 -5.61 -9.18
CA HIS A 155 14.44 -4.29 -9.07
C HIS A 155 13.27 -4.10 -9.99
N HIS A 156 13.40 -4.57 -11.23
CA HIS A 156 12.35 -4.39 -12.24
C HIS A 156 11.05 -5.08 -11.89
N SER A 157 11.14 -6.10 -11.04
CA SER A 157 9.96 -6.85 -10.61
C SER A 157 9.54 -6.55 -9.17
N ALA A 158 10.46 -6.07 -8.36
CA ALA A 158 10.22 -5.95 -6.91
C ALA A 158 10.48 -4.56 -6.33
N GLY A 159 11.03 -3.66 -7.13
CA GLY A 159 11.43 -2.34 -6.64
C GLY A 159 12.64 -2.42 -5.73
N SER A 160 12.83 -1.40 -4.90
CA SER A 160 13.97 -1.33 -3.99
C SER A 160 13.56 -1.69 -2.56
N PHE A 161 14.53 -1.62 -1.64
CA PHE A 161 14.33 -2.06 -0.24
C PHE A 161 13.21 -1.31 0.47
N GLY A 162 13.07 -0.03 0.18
CA GLY A 162 12.02 0.81 0.78
C GLY A 162 10.61 0.30 0.54
N ASN A 163 10.41 -0.33 -0.62
CA ASN A 163 9.11 -0.89 -1.01
C ASN A 163 8.60 -2.01 -0.10
N HIS A 164 9.49 -2.56 0.73
CA HIS A 164 9.18 -3.73 1.54
C HIS A 164 9.26 -3.48 3.02
N VAL A 165 9.46 -2.22 3.39
CA VAL A 165 9.42 -1.80 4.78
C VAL A 165 7.97 -1.52 5.15
N ARG A 166 7.46 -2.23 6.16
CA ARG A 166 6.08 -2.04 6.61
C ARG A 166 5.99 -1.08 7.80
N SER A 167 7.06 -1.04 8.60
CA SER A 167 7.18 -0.06 9.68
C SER A 167 8.63 0.11 10.10
N MET A 168 8.95 1.27 10.67
CA MET A 168 10.26 1.50 11.28
C MET A 168 10.19 2.46 12.47
N ASP A 169 10.98 2.14 13.49
CA ASP A 169 11.12 2.97 14.68
C ASP A 169 12.29 3.94 14.50
N LEU A 170 11.97 5.23 14.38
CA LEU A 170 12.97 6.24 14.12
C LEU A 170 13.23 7.13 15.34
N LEU A 171 14.48 7.11 15.82
CA LEU A 171 14.92 8.04 16.86
C LEU A 171 15.22 9.39 16.23
N THR A 172 14.39 10.38 16.57
CA THR A 172 14.51 11.72 16.01
C THR A 172 15.28 12.67 16.93
N ALA A 173 15.51 13.90 16.45
CA ALA A 173 16.29 14.90 17.16
C ALA A 173 15.70 15.33 18.51
N ASP A 174 14.37 15.28 18.60
CA ASP A 174 13.67 15.64 19.83
C ASP A 174 13.82 14.60 20.94
N GLY A 175 14.48 13.49 20.62
CA GLY A 175 14.70 12.39 21.58
C GLY A 175 13.60 11.35 21.55
N GLU A 176 12.61 11.54 20.69
CA GLU A 176 11.47 10.64 20.59
C GLU A 176 11.63 9.58 19.50
N ILE A 177 11.15 8.37 19.79
CA ILE A 177 11.17 7.27 18.83
C ILE A 177 9.81 7.18 18.13
N ARG A 178 9.79 7.58 16.85
CA ARG A 178 8.58 7.55 16.05
C ARG A 178 8.36 6.20 15.39
N HIS A 179 7.12 5.71 15.47
CA HIS A 179 6.71 4.54 14.71
C HIS A 179 6.19 4.99 13.38
N LEU A 180 6.95 4.70 12.33
CA LEU A 180 6.63 5.17 10.98
C LEU A 180 6.07 4.07 10.10
N THR A 181 5.07 4.42 9.28
CA THR A 181 4.43 3.50 8.35
C THR A 181 4.43 4.13 6.94
N PRO A 182 4.36 3.29 5.88
CA PRO A 182 4.40 3.83 4.51
C PRO A 182 3.17 4.67 4.12
N THR A 183 2.05 4.46 4.80
CA THR A 183 0.84 5.27 4.58
C THR A 183 0.34 5.86 5.90
N GLY A 184 -0.64 6.77 5.81
CA GLY A 184 -1.24 7.39 6.99
C GLY A 184 -0.41 8.53 7.55
N GLU A 185 -0.59 8.81 8.84
CA GLU A 185 0.12 9.91 9.50
C GLU A 185 1.63 9.68 9.51
N ASP A 186 2.39 10.75 9.29
CA ASP A 186 3.85 10.72 9.23
C ASP A 186 4.45 9.97 8.04
N ALA A 187 3.62 9.66 7.03
CA ALA A 187 4.07 8.95 5.84
C ALA A 187 5.16 9.70 5.08
N GLU A 188 5.11 11.03 5.16
CA GLU A 188 6.10 11.88 4.50
C GLU A 188 7.49 11.72 5.12
N LEU A 189 7.54 11.56 6.44
CA LEU A 189 8.79 11.33 7.16
C LEU A 189 9.34 9.93 6.88
N PHE A 190 8.44 8.96 6.77
CA PHE A 190 8.78 7.59 6.40
C PHE A 190 9.55 7.59 5.08
N TRP A 191 9.02 8.30 4.09
CA TRP A 191 9.60 8.32 2.75
C TRP A 191 10.79 9.24 2.61
N ALA A 192 10.99 10.11 3.59
CA ALA A 192 12.21 10.92 3.66
C ALA A 192 13.33 10.14 4.32
N THR A 193 12.95 9.17 5.15
CA THR A 193 13.91 8.28 5.83
C THR A 193 14.44 7.23 4.86
N VAL A 194 13.53 6.65 4.08
CA VAL A 194 13.90 5.78 2.96
C VAL A 194 14.74 6.61 2.00
N GLY A 195 15.99 6.19 1.80
CA GLY A 195 16.92 6.93 0.94
C GLY A 195 17.37 8.26 1.53
N GLY A 196 17.18 8.43 2.84
CA GLY A 196 17.50 9.69 3.51
C GLY A 196 18.93 9.81 4.03
N ASN A 197 19.71 8.75 3.88
CA ASN A 197 21.12 8.70 4.30
C ASN A 197 21.34 9.05 5.77
N GLY A 198 20.44 8.59 6.63
CA GLY A 198 20.54 8.80 8.08
C GLY A 198 20.24 10.21 8.56
N LEU A 199 19.75 11.07 7.66
CA LEU A 199 19.60 12.48 7.97
C LEU A 199 18.22 12.87 8.52
N THR A 200 17.36 11.89 8.75
CA THR A 200 16.08 12.13 9.42
C THR A 200 16.12 11.65 10.87
N GLY A 201 17.18 10.89 11.20
CA GLY A 201 17.34 10.33 12.53
C GLY A 201 17.98 8.96 12.48
N ILE A 202 17.79 8.18 13.55
CA ILE A 202 18.35 6.84 13.63
C ILE A 202 17.25 5.78 13.62
N ILE A 203 17.26 4.96 12.59
CA ILE A 203 16.41 3.77 12.53
C ILE A 203 16.94 2.81 13.58
N MET A 204 16.08 2.43 14.53
CA MET A 204 16.45 1.54 15.62
C MET A 204 15.96 0.13 15.32
N ARG A 205 14.78 0.06 14.70
CA ARG A 205 14.03 -1.17 14.54
C ARG A 205 13.12 -1.03 13.32
N ALA A 206 12.82 -2.16 12.67
CA ALA A 206 11.97 -2.16 11.49
C ALA A 206 11.24 -3.49 11.26
N THR A 207 10.10 -3.42 10.57
CA THR A 207 9.39 -4.61 10.10
C THR A 207 9.49 -4.68 8.59
N ILE A 208 10.00 -5.81 8.08
CA ILE A 208 10.12 -6.04 6.64
C ILE A 208 9.21 -7.19 6.22
N GLU A 209 8.44 -6.97 5.16
CA GLU A 209 7.68 -8.05 4.54
C GLU A 209 8.60 -8.81 3.59
N MET A 210 8.75 -10.11 3.85
CA MET A 210 9.61 -10.99 3.07
C MET A 210 8.85 -11.62 1.91
N THR A 211 9.59 -12.18 0.95
CA THR A 211 9.00 -12.88 -0.18
C THR A 211 8.94 -14.37 0.14
N PRO A 212 7.76 -15.00 -0.05
CA PRO A 212 7.65 -16.44 0.18
C PRO A 212 8.48 -17.23 -0.83
N THR A 213 9.15 -18.27 -0.36
CA THR A 213 9.90 -19.16 -1.23
C THR A 213 9.82 -20.60 -0.71
N SER A 214 9.89 -21.56 -1.61
CA SER A 214 9.92 -22.97 -1.23
C SER A 214 11.35 -23.53 -1.27
N THR A 215 12.24 -22.83 -1.95
CA THR A 215 13.66 -23.24 -2.04
C THR A 215 14.62 -22.08 -1.83
N ALA A 216 15.90 -22.41 -1.68
CA ALA A 216 16.98 -21.42 -1.62
C ALA A 216 17.73 -21.35 -2.95
N TYR A 217 17.09 -21.84 -4.01
CA TYR A 217 17.73 -21.94 -5.32
C TYR A 217 17.03 -21.12 -6.41
N PHE A 218 17.78 -20.84 -7.47
CA PHE A 218 17.26 -20.13 -8.63
C PHE A 218 17.24 -21.04 -9.86
N ILE A 219 16.30 -20.78 -10.76
CA ILE A 219 16.30 -21.38 -12.10
C ILE A 219 16.74 -20.28 -13.07
N ALA A 220 17.85 -20.49 -13.75
CA ALA A 220 18.50 -19.44 -14.51
C ALA A 220 18.62 -19.70 -16.02
N ASP A 221 18.39 -18.65 -16.80
CA ASP A 221 18.70 -18.63 -18.22
C ASP A 221 19.86 -17.67 -18.45
N GLY A 222 20.87 -18.14 -19.18
CA GLY A 222 22.03 -17.31 -19.51
C GLY A 222 22.09 -16.99 -20.98
N ASP A 223 22.41 -15.74 -21.29
CA ASP A 223 22.58 -15.29 -22.67
C ASP A 223 23.82 -14.41 -22.81
N VAL A 224 24.50 -14.54 -23.96
CA VAL A 224 25.65 -13.71 -24.27
C VAL A 224 25.38 -12.89 -25.52
N THR A 225 25.51 -11.57 -25.38
CA THR A 225 25.31 -10.64 -26.50
C THR A 225 26.65 -10.26 -27.13
N ALA A 226 26.60 -9.84 -28.39
CA ALA A 226 27.80 -9.49 -29.15
C ALA A 226 28.08 -7.99 -29.18
N SER A 227 27.05 -7.18 -28.92
CA SER A 227 27.16 -5.72 -29.03
C SER A 227 26.25 -4.97 -28.06
N LEU A 228 26.51 -3.67 -27.93
CA LEU A 228 25.65 -2.78 -27.15
C LEU A 228 24.23 -2.76 -27.71
N ASP A 229 24.13 -2.74 -29.05
CA ASP A 229 22.85 -2.76 -29.75
C ASP A 229 21.96 -3.93 -29.34
N GLU A 230 22.51 -5.14 -29.38
CA GLU A 230 21.73 -6.33 -29.03
C GLU A 230 21.61 -6.58 -27.52
N THR A 231 22.49 -5.96 -26.73
CA THR A 231 22.34 -5.94 -25.27
C THR A 231 21.08 -5.14 -24.91
N ILE A 232 20.92 -3.97 -25.54
CA ILE A 232 19.76 -3.12 -25.36
C ILE A 232 18.49 -3.76 -25.94
N ALA A 233 18.64 -4.41 -27.10
CA ALA A 233 17.52 -5.10 -27.75
C ALA A 233 16.96 -6.23 -26.89
N LEU A 234 17.87 -6.98 -26.24
CA LEU A 234 17.49 -8.07 -25.34
C LEU A 234 16.69 -7.58 -24.14
N HIS A 235 16.99 -6.36 -23.69
CA HIS A 235 16.29 -5.75 -22.56
C HIS A 235 15.06 -4.99 -22.96
N SER A 236 14.85 -4.83 -24.26
CA SER A 236 13.71 -4.06 -24.78
C SER A 236 12.67 -4.91 -25.53
N ASP A 237 12.96 -6.20 -25.70
CA ASP A 237 12.09 -7.09 -26.47
C ASP A 237 10.94 -7.69 -25.65
N GLY A 238 10.89 -7.37 -24.37
CA GLY A 238 9.83 -7.84 -23.49
C GLY A 238 10.18 -9.06 -22.66
N SER A 239 11.34 -9.66 -22.94
CA SER A 239 11.79 -10.86 -22.23
C SER A 239 12.06 -10.63 -20.75
N GLU A 240 12.34 -9.39 -20.38
CA GLU A 240 12.54 -9.00 -18.97
C GLU A 240 11.32 -9.32 -18.10
N ALA A 241 10.14 -9.28 -18.70
CA ALA A 241 8.89 -9.58 -17.99
C ALA A 241 8.75 -11.06 -17.61
N ARG A 242 9.56 -11.91 -18.24
CA ARG A 242 9.54 -13.35 -17.97
C ARG A 242 10.44 -13.75 -16.79
N TYR A 243 11.27 -12.82 -16.32
CA TYR A 243 12.21 -13.08 -15.22
C TYR A 243 12.06 -12.06 -14.10
N THR A 244 12.00 -12.54 -12.86
CA THR A 244 11.98 -11.66 -11.70
C THR A 244 13.37 -11.11 -11.38
N TYR A 245 14.40 -11.86 -11.74
CA TYR A 245 15.79 -11.48 -11.49
C TYR A 245 16.56 -11.34 -12.81
N SER A 246 17.27 -10.22 -12.96
CA SER A 246 18.03 -9.95 -14.18
C SER A 246 19.18 -8.96 -13.96
N SER A 247 20.39 -9.39 -14.30
CA SER A 247 21.56 -8.50 -14.34
C SER A 247 22.61 -9.03 -15.31
N ALA A 248 23.53 -8.16 -15.72
CA ALA A 248 24.52 -8.51 -16.74
C ALA A 248 25.91 -7.97 -16.44
N TRP A 249 26.92 -8.73 -16.87
CA TRP A 249 28.30 -8.25 -16.87
C TRP A 249 28.57 -7.61 -18.19
N PHE A 250 29.14 -6.41 -18.14
CA PHE A 250 29.14 -5.48 -19.26
C PHE A 250 30.56 -5.15 -19.72
N ASP A 251 30.78 -5.19 -21.03
CA ASP A 251 32.08 -4.83 -21.62
C ASP A 251 32.13 -3.33 -21.91
N ALA A 252 33.05 -2.64 -21.24
CA ALA A 252 33.20 -1.19 -21.40
C ALA A 252 34.61 -0.79 -21.88
N ILE A 253 35.35 -1.76 -22.40
CA ILE A 253 36.73 -1.53 -22.83
C ILE A 253 36.89 -1.68 -24.34
N SER A 254 36.36 -2.77 -24.88
CA SER A 254 36.44 -3.05 -26.32
C SER A 254 35.83 -1.94 -27.17
N ALA A 255 36.40 -1.73 -28.34
CA ALA A 255 35.91 -0.74 -29.30
C ALA A 255 34.62 -1.24 -29.96
N PRO A 256 33.76 -0.32 -30.44
CA PRO A 256 32.54 -0.72 -31.15
C PRO A 256 32.84 -1.59 -32.38
N PRO A 257 31.93 -2.53 -32.72
CA PRO A 257 30.64 -2.77 -32.06
C PRO A 257 30.71 -3.68 -30.83
N LYS A 258 31.89 -4.21 -30.52
CA LYS A 258 32.08 -5.08 -29.35
C LYS A 258 31.74 -4.39 -28.03
N LEU A 259 31.93 -3.07 -27.99
CA LEU A 259 31.54 -2.26 -26.84
C LEU A 259 30.09 -2.55 -26.45
N GLY A 260 29.87 -2.78 -25.16
CA GLY A 260 28.52 -3.00 -24.65
C GLY A 260 27.99 -4.42 -24.74
N ARG A 261 28.81 -5.33 -25.27
CA ARG A 261 28.47 -6.76 -25.25
C ARG A 261 28.38 -7.24 -23.80
N ALA A 262 27.53 -8.22 -23.55
CA ALA A 262 27.22 -8.58 -22.16
C ALA A 262 26.93 -10.06 -21.94
N ALA A 263 27.36 -10.56 -20.79
CA ALA A 263 26.94 -11.85 -20.29
C ALA A 263 25.74 -11.61 -19.37
N VAL A 264 24.56 -11.99 -19.84
CA VAL A 264 23.31 -11.72 -19.13
C VAL A 264 22.84 -12.95 -18.36
N SER A 265 22.58 -12.75 -17.07
CA SER A 265 22.08 -13.79 -16.18
C SER A 265 20.68 -13.44 -15.70
N ARG A 266 19.71 -14.31 -15.99
CA ARG A 266 18.30 -14.04 -15.67
C ARG A 266 17.62 -15.28 -15.08
N GLY A 267 16.69 -15.05 -14.15
CA GLY A 267 15.96 -16.16 -13.56
C GLY A 267 14.91 -15.81 -12.51
N ARG A 268 14.48 -16.85 -11.81
CA ARG A 268 13.49 -16.74 -10.74
CA ARG A 268 13.50 -16.72 -10.73
C ARG A 268 13.75 -17.80 -9.68
N LEU A 269 13.15 -17.64 -8.51
CA LEU A 269 13.26 -18.62 -7.43
C LEU A 269 12.69 -19.96 -7.87
N ALA A 270 13.43 -21.03 -7.59
CA ALA A 270 13.02 -22.38 -7.95
C ALA A 270 11.93 -22.90 -7.02
N THR A 271 11.08 -23.78 -7.55
CA THR A 271 10.16 -24.56 -6.72
C THR A 271 10.84 -25.89 -6.38
N VAL A 272 10.25 -26.64 -5.45
CA VAL A 272 10.84 -27.89 -4.96
C VAL A 272 11.09 -28.94 -6.05
N GLU A 273 10.11 -29.15 -6.93
CA GLU A 273 10.20 -30.20 -7.94
C GLU A 273 11.17 -29.86 -9.08
N GLN A 274 11.55 -28.59 -9.17
CA GLN A 274 12.53 -28.14 -10.15
C GLN A 274 13.96 -28.47 -9.73
N LEU A 275 14.13 -28.79 -8.45
CA LEU A 275 15.43 -29.19 -7.90
C LEU A 275 15.79 -30.61 -8.31
N PRO A 276 17.09 -30.89 -8.53
CA PRO A 276 17.55 -32.26 -8.68
C PRO A 276 17.23 -33.07 -7.42
N ALA A 277 16.88 -34.33 -7.59
CA ALA A 277 16.46 -35.21 -6.49
C ALA A 277 17.37 -35.14 -5.26
N LYS A 278 18.68 -35.13 -5.52
CA LYS A 278 19.71 -35.00 -4.48
C LYS A 278 19.53 -33.77 -3.57
N LEU A 279 18.97 -32.70 -4.13
CA LEU A 279 18.75 -31.45 -3.41
C LEU A 279 17.34 -31.30 -2.85
N ARG A 280 16.42 -32.15 -3.30
CA ARG A 280 15.00 -32.07 -2.91
C ARG A 280 14.72 -32.36 -1.43
N SER A 281 15.61 -33.12 -0.79
CA SER A 281 15.49 -33.44 0.64
C SER A 281 15.66 -32.21 1.52
N GLU A 282 16.51 -31.29 1.07
CA GLU A 282 16.86 -30.08 1.82
C GLU A 282 16.72 -28.85 0.93
N PRO A 283 15.48 -28.45 0.60
CA PRO A 283 15.27 -27.40 -0.39
C PRO A 283 15.67 -25.99 0.08
N LEU A 284 15.54 -25.73 1.37
CA LEU A 284 15.79 -24.38 1.91
C LEU A 284 17.19 -24.22 2.53
N LYS A 285 18.03 -25.25 2.39
CA LYS A 285 19.39 -25.21 2.93
C LYS A 285 20.30 -24.33 2.08
N PHE A 286 21.08 -23.48 2.75
CA PHE A 286 22.05 -22.63 2.06
C PHE A 286 23.43 -23.29 2.02
N GLY A 309 41.73 -14.73 -21.81
CA GLY A 309 42.37 -14.98 -23.09
C GLY A 309 41.35 -15.12 -24.23
N PRO A 310 41.85 -15.44 -25.45
CA PRO A 310 40.98 -15.65 -26.60
C PRO A 310 40.23 -16.97 -26.52
N ILE A 311 40.85 -17.96 -25.86
CA ILE A 311 40.28 -19.30 -25.75
C ILE A 311 39.23 -19.35 -24.64
N GLY A 312 39.49 -18.62 -23.56
CA GLY A 312 38.56 -18.54 -22.42
C GLY A 312 37.29 -17.82 -22.80
N GLU A 313 37.43 -16.74 -23.57
CA GLU A 313 36.30 -15.98 -24.10
C GLU A 313 35.41 -16.85 -24.99
N LEU A 314 36.02 -17.70 -25.81
CA LEU A 314 35.29 -18.66 -26.61
C LEU A 314 34.42 -19.56 -25.74
N TRP A 315 35.03 -20.09 -24.68
CA TRP A 315 34.31 -20.90 -23.71
C TRP A 315 33.24 -20.11 -23.01
N TYR A 316 33.58 -18.90 -22.57
CA TYR A 316 32.64 -18.05 -21.83
C TYR A 316 31.45 -17.64 -22.68
N ARG A 317 31.62 -17.65 -24.00
CA ARG A 317 30.53 -17.41 -24.94
C ARG A 317 29.62 -18.63 -25.04
N LYS A 318 30.21 -19.81 -25.07
CA LYS A 318 29.46 -21.06 -25.18
C LYS A 318 28.79 -21.46 -23.87
N SER A 319 29.56 -21.46 -22.78
CA SER A 319 29.06 -21.80 -21.45
C SER A 319 28.19 -20.69 -20.86
N GLY A 320 28.22 -19.52 -21.49
CA GLY A 320 27.41 -18.39 -21.07
C GLY A 320 25.98 -18.45 -21.57
N THR A 321 25.73 -19.35 -22.54
CA THR A 321 24.38 -19.58 -23.05
C THR A 321 23.83 -20.90 -22.50
N TYR A 322 22.77 -20.79 -21.70
CA TYR A 322 22.15 -21.93 -21.06
C TYR A 322 20.70 -21.65 -20.70
N ARG A 323 19.92 -22.71 -20.49
CA ARG A 323 18.51 -22.59 -20.11
C ARG A 323 18.17 -23.52 -18.95
N GLY A 324 17.34 -23.03 -18.04
CA GLY A 324 16.82 -23.82 -16.92
C GLY A 324 17.86 -24.43 -15.99
N LYS A 325 18.90 -23.66 -15.69
CA LYS A 325 19.96 -24.14 -14.79
C LYS A 325 19.64 -23.84 -13.33
N VAL A 326 19.69 -24.89 -12.51
CA VAL A 326 19.54 -24.76 -11.06
C VAL A 326 20.82 -24.20 -10.46
N GLN A 327 20.69 -23.09 -9.74
CA GLN A 327 21.83 -22.42 -9.13
C GLN A 327 21.50 -21.99 -7.70
N ASN A 328 22.44 -22.19 -6.79
CA ASN A 328 22.32 -21.64 -5.44
C ASN A 328 22.66 -20.15 -5.45
N LEU A 329 22.42 -19.48 -4.32
CA LEU A 329 22.63 -18.04 -4.21
C LEU A 329 24.03 -17.61 -4.67
N THR A 330 25.05 -18.34 -4.23
CA THR A 330 26.44 -18.06 -4.59
C THR A 330 26.68 -18.14 -6.10
N GLN A 331 26.15 -19.19 -6.72
CA GLN A 331 26.32 -19.43 -8.15
C GLN A 331 25.56 -18.44 -9.03
N PHE A 332 24.34 -18.09 -8.61
CA PHE A 332 23.48 -17.17 -9.35
C PHE A 332 24.02 -15.74 -9.37
N TYR A 333 24.82 -15.39 -8.37
CA TYR A 333 25.42 -14.06 -8.26
C TYR A 333 26.90 -14.04 -8.61
N HIS A 334 27.46 -15.21 -8.90
CA HIS A 334 28.88 -15.39 -9.25
C HIS A 334 29.32 -14.47 -10.37
N PRO A 335 30.54 -13.91 -10.25
CA PRO A 335 31.51 -14.08 -9.17
C PRO A 335 31.55 -12.92 -8.15
N LEU A 336 30.41 -12.61 -7.56
CA LEU A 336 30.34 -11.60 -6.49
C LEU A 336 30.90 -12.09 -5.16
N ASP A 337 30.94 -13.41 -5.00
CA ASP A 337 31.53 -14.05 -3.82
C ASP A 337 33.05 -13.87 -3.77
N MET A 338 33.67 -13.75 -4.94
CA MET A 338 35.11 -13.58 -5.05
C MET A 338 35.48 -12.11 -5.24
N ALA A 345 38.44 -5.51 5.88
CA ALA A 345 37.57 -4.48 6.46
C ALA A 345 37.21 -3.38 5.46
N TYR A 346 37.89 -3.38 4.33
CA TYR A 346 37.60 -2.45 3.23
C TYR A 346 37.88 -3.07 1.86
N GLY A 347 37.42 -2.41 0.80
CA GLY A 347 37.75 -2.79 -0.56
C GLY A 347 39.11 -2.24 -0.96
N PRO A 348 39.56 -2.55 -2.18
CA PRO A 348 40.87 -2.07 -2.65
C PRO A 348 40.91 -0.56 -2.83
N ALA A 349 41.97 0.07 -2.32
CA ALA A 349 42.22 1.48 -2.54
C ALA A 349 42.74 1.71 -3.96
N GLY A 350 42.62 2.94 -4.45
CA GLY A 350 43.05 3.28 -5.81
C GLY A 350 42.00 2.98 -6.86
N PHE A 351 40.74 2.90 -6.42
CA PHE A 351 39.61 2.69 -7.32
C PHE A 351 38.49 3.69 -7.06
N LEU A 352 37.85 4.13 -8.14
CA LEU A 352 36.72 5.05 -8.07
C LEU A 352 35.47 4.37 -8.60
N GLN A 353 34.56 4.04 -7.70
CA GLN A 353 33.27 3.45 -8.06
C GLN A 353 32.32 4.53 -8.56
N TYR A 354 31.71 4.28 -9.71
CA TYR A 354 30.79 5.22 -10.31
C TYR A 354 29.55 4.51 -10.83
N GLN A 355 28.39 4.88 -10.31
CA GLN A 355 27.12 4.30 -10.73
C GLN A 355 26.10 5.37 -11.09
N PHE A 356 25.48 5.20 -12.26
CA PHE A 356 24.45 6.11 -12.73
C PHE A 356 23.33 5.37 -13.45
N VAL A 357 22.17 6.00 -13.52
CA VAL A 357 21.04 5.47 -14.28
C VAL A 357 20.52 6.51 -15.27
N ILE A 358 20.25 6.07 -16.49
CA ILE A 358 19.70 6.92 -17.55
C ILE A 358 18.27 6.46 -17.85
N PRO A 359 17.31 7.41 -17.90
CA PRO A 359 15.90 7.06 -18.19
C PRO A 359 15.75 6.20 -19.44
N THR A 360 14.82 5.25 -19.40
CA THR A 360 14.62 4.27 -20.47
C THR A 360 14.54 4.92 -21.86
N GLU A 361 13.80 6.02 -21.94
CA GLU A 361 13.51 6.71 -23.21
C GLU A 361 14.78 7.30 -23.84
N ALA A 362 15.75 7.66 -23.02
CA ALA A 362 17.00 8.25 -23.48
C ALA A 362 18.06 7.18 -23.81
N VAL A 363 17.67 6.24 -24.66
CA VAL A 363 18.53 5.10 -25.02
C VAL A 363 19.77 5.51 -25.83
N ASP A 364 19.59 6.41 -26.79
CA ASP A 364 20.69 6.94 -27.60
C ASP A 364 21.66 7.73 -26.74
N GLU A 365 21.11 8.47 -25.78
CA GLU A 365 21.89 9.23 -24.82
C GLU A 365 22.75 8.32 -23.94
N PHE A 366 22.18 7.18 -23.54
CA PHE A 366 22.88 6.18 -22.75
C PHE A 366 24.02 5.54 -23.56
N LYS A 367 23.73 5.20 -24.82
CA LYS A 367 24.72 4.60 -25.73
C LYS A 367 25.92 5.50 -25.94
N LYS A 368 25.66 6.81 -25.98
CA LYS A 368 26.70 7.83 -26.14
C LYS A 368 27.63 7.89 -24.93
N ILE A 369 27.07 7.83 -23.72
CA ILE A 369 27.86 7.88 -22.49
C ILE A 369 28.78 6.66 -22.39
N ILE A 370 28.27 5.49 -22.78
CA ILE A 370 29.08 4.27 -22.85
C ILE A 370 30.26 4.46 -23.80
N GLY A 371 30.00 5.06 -24.96
CA GLY A 371 31.05 5.39 -25.94
C GLY A 371 32.09 6.35 -25.40
N VAL A 372 31.64 7.34 -24.64
CA VAL A 372 32.53 8.31 -23.99
C VAL A 372 33.45 7.61 -22.99
N ILE A 373 32.91 6.65 -22.25
CA ILE A 373 33.66 5.90 -21.24
C ILE A 373 34.79 5.07 -21.86
N GLN A 374 34.52 4.41 -22.98
CA GLN A 374 35.55 3.54 -23.59
C GLN A 374 36.60 4.32 -24.39
N ALA A 375 36.25 5.51 -24.85
CA ALA A 375 37.18 6.35 -25.61
C ALA A 375 37.98 7.28 -24.70
N SER A 376 37.77 7.14 -23.39
CA SER A 376 38.31 8.08 -22.40
C SER A 376 39.78 7.89 -22.04
N GLY A 377 40.26 6.65 -22.16
CA GLY A 377 41.59 6.29 -21.66
C GLY A 377 41.50 5.72 -20.26
N HIS A 378 40.28 5.71 -19.70
CA HIS A 378 40.02 5.09 -18.41
C HIS A 378 39.30 3.79 -18.62
N TYR A 379 39.87 2.72 -18.08
CA TYR A 379 39.37 1.36 -18.36
C TYR A 379 38.77 0.70 -17.12
N SER A 380 37.54 0.21 -17.26
CA SER A 380 36.85 -0.51 -16.20
C SER A 380 36.51 -1.92 -16.66
N PHE A 381 37.07 -2.91 -15.96
CA PHE A 381 36.89 -4.31 -16.32
C PHE A 381 35.59 -4.90 -15.75
N LEU A 382 35.22 -4.47 -14.54
CA LEU A 382 34.06 -5.01 -13.84
C LEU A 382 32.89 -4.04 -13.87
N ASN A 383 31.92 -4.33 -14.73
CA ASN A 383 30.77 -3.45 -14.95
C ASN A 383 29.45 -4.19 -14.83
N VAL A 384 28.60 -3.74 -13.91
CA VAL A 384 27.28 -4.34 -13.72
C VAL A 384 26.22 -3.50 -14.40
N PHE A 385 25.41 -4.15 -15.24
CA PHE A 385 24.36 -3.50 -16.01
C PHE A 385 23.02 -4.16 -15.75
N LYS A 386 21.98 -3.35 -15.57
CA LYS A 386 20.60 -3.84 -15.55
C LYS A 386 19.61 -2.72 -15.90
N LEU A 387 18.42 -3.13 -16.33
CA LEU A 387 17.32 -2.20 -16.58
C LEU A 387 16.46 -2.12 -15.34
N PHE A 388 16.37 -0.93 -14.76
CA PHE A 388 15.55 -0.69 -13.58
C PHE A 388 14.07 -0.62 -13.95
N GLY A 389 13.22 -0.96 -12.98
CA GLY A 389 11.77 -0.82 -13.13
C GLY A 389 11.28 0.47 -12.50
N PRO A 390 9.96 0.56 -12.23
CA PRO A 390 9.34 1.77 -11.67
C PRO A 390 9.95 2.23 -10.35
N ARG A 391 10.03 3.55 -10.17
CA ARG A 391 10.55 4.14 -8.94
C ARG A 391 9.51 4.10 -7.82
N ASN A 392 9.94 4.36 -6.59
CA ASN A 392 9.01 4.53 -5.47
C ASN A 392 8.79 6.01 -5.14
N GLN A 393 8.07 6.28 -4.07
CA GLN A 393 7.69 7.67 -3.73
C GLN A 393 8.69 8.41 -2.82
N ALA A 394 9.86 7.81 -2.60
CA ALA A 394 10.90 8.45 -1.80
C ALA A 394 11.63 9.52 -2.61
N PRO A 395 11.61 10.78 -2.12
CA PRO A 395 12.22 11.92 -2.83
C PRO A 395 13.68 11.71 -3.24
N LEU A 396 14.47 11.07 -2.38
CA LEU A 396 15.90 10.89 -2.65
C LEU A 396 16.29 9.48 -3.11
N SER A 397 15.30 8.67 -3.47
CA SER A 397 15.54 7.32 -3.97
C SER A 397 16.31 7.36 -5.29
N PHE A 398 17.41 6.60 -5.34
CA PHE A 398 18.26 6.55 -6.53
C PHE A 398 17.57 5.97 -7.78
N PRO A 399 17.01 4.74 -7.69
CA PRO A 399 16.56 4.09 -8.91
C PRO A 399 15.34 4.74 -9.56
N ILE A 400 15.42 4.92 -10.87
CA ILE A 400 14.29 5.28 -11.72
C ILE A 400 14.26 4.31 -12.90
N PRO A 401 13.11 4.14 -13.56
CA PRO A 401 13.10 3.26 -14.73
C PRO A 401 14.15 3.67 -15.77
N GLY A 402 15.02 2.74 -16.13
CA GLY A 402 16.06 3.02 -17.11
C GLY A 402 17.34 2.23 -16.99
N TRP A 403 18.36 2.72 -17.67
CA TRP A 403 19.62 2.00 -17.85
C TRP A 403 20.61 2.30 -16.77
N ASN A 404 20.83 1.31 -15.91
CA ASN A 404 21.74 1.42 -14.79
C ASN A 404 23.06 0.72 -15.11
N ILE A 405 24.16 1.40 -14.81
CA ILE A 405 25.47 0.77 -14.88
C ILE A 405 26.38 1.21 -13.72
N CYS A 406 27.14 0.25 -13.21
CA CYS A 406 28.14 0.52 -12.19
C CYS A 406 29.51 0.19 -12.78
N VAL A 407 30.36 1.20 -12.87
CA VAL A 407 31.72 1.05 -13.40
C VAL A 407 32.76 1.27 -12.30
N ASP A 408 33.97 0.76 -12.54
CA ASP A 408 35.04 0.83 -11.54
C ASP A 408 36.36 1.25 -12.17
N PHE A 409 36.67 2.55 -12.06
CA PHE A 409 37.89 3.10 -12.62
C PHE A 409 39.05 3.07 -11.62
N PRO A 410 40.23 2.61 -12.06
CA PRO A 410 41.43 2.76 -11.22
C PRO A 410 41.83 4.23 -11.17
N ILE A 411 42.17 4.71 -9.97
CA ILE A 411 42.51 6.13 -9.78
C ILE A 411 43.78 6.50 -10.52
N LYS A 412 43.63 7.43 -11.46
CA LYS A 412 44.68 7.78 -12.41
C LYS A 412 44.60 9.28 -12.68
N ASP A 413 45.59 9.81 -13.40
CA ASP A 413 45.58 11.22 -13.76
C ASP A 413 44.42 11.56 -14.70
N GLY A 414 43.67 12.58 -14.34
CA GLY A 414 42.55 13.07 -15.16
C GLY A 414 41.20 12.48 -14.81
N LEU A 415 41.19 11.48 -13.93
CA LEU A 415 39.97 10.74 -13.58
C LEU A 415 38.90 11.64 -13.00
N GLY A 416 39.27 12.42 -11.99
CA GLY A 416 38.35 13.32 -11.28
C GLY A 416 37.61 14.30 -12.18
N LYS A 417 38.34 14.90 -13.11
CA LYS A 417 37.74 15.85 -14.05
C LYS A 417 36.91 15.16 -15.12
N PHE A 418 37.30 13.94 -15.49
CA PHE A 418 36.53 13.16 -16.46
C PHE A 418 35.17 12.72 -15.92
N VAL A 419 35.14 12.27 -14.66
CA VAL A 419 33.87 11.86 -14.03
C VAL A 419 32.98 13.07 -13.75
N SER A 420 33.58 14.26 -13.66
CA SER A 420 32.82 15.51 -13.60
C SER A 420 32.11 15.78 -14.92
N GLU A 421 32.72 15.35 -16.02
CA GLU A 421 32.09 15.44 -17.34
C GLU A 421 31.00 14.40 -17.50
N LEU A 422 31.19 13.25 -16.86
CA LEU A 422 30.15 12.21 -16.83
C LEU A 422 28.93 12.70 -16.04
N ASP A 423 29.18 13.35 -14.90
CA ASP A 423 28.13 13.98 -14.10
C ASP A 423 27.22 14.84 -14.96
N ARG A 424 27.85 15.73 -15.73
CA ARG A 424 27.15 16.68 -16.59
C ARG A 424 26.32 15.99 -17.68
N ARG A 425 26.89 14.94 -18.28
CA ARG A 425 26.20 14.13 -19.28
C ARG A 425 25.00 13.39 -18.70
N VAL A 426 25.22 12.67 -17.60
CA VAL A 426 24.16 11.96 -16.87
C VAL A 426 23.05 12.94 -16.48
N LEU A 427 23.44 14.09 -15.92
CA LEU A 427 22.50 15.13 -15.54
C LEU A 427 21.68 15.65 -16.71
N GLU A 428 22.38 16.02 -17.79
CA GLU A 428 21.75 16.54 -19.00
C GLU A 428 20.65 15.63 -19.52
N PHE A 429 20.91 14.33 -19.48
CA PHE A 429 20.01 13.33 -20.07
C PHE A 429 18.93 12.80 -19.12
N GLY A 430 18.74 13.50 -18.00
CA GLY A 430 17.67 13.19 -17.06
C GLY A 430 17.98 12.10 -16.05
N GLY A 431 19.25 11.71 -15.96
CA GLY A 431 19.67 10.67 -15.03
C GLY A 431 20.22 11.19 -13.72
N ARG A 432 20.73 10.26 -12.90
CA ARG A 432 21.32 10.61 -11.60
C ARG A 432 22.40 9.59 -11.21
N LEU A 433 23.29 10.00 -10.31
CA LEU A 433 24.19 9.04 -9.68
C LEU A 433 23.68 8.57 -8.31
N TYR A 434 24.34 7.54 -7.78
CA TYR A 434 23.94 6.90 -6.54
C TYR A 434 24.80 7.44 -5.39
N THR A 435 24.16 7.82 -4.28
CA THR A 435 24.85 8.38 -3.12
C THR A 435 25.79 7.37 -2.48
N ALA A 436 25.34 6.12 -2.38
CA ALA A 436 26.11 5.04 -1.77
C ALA A 436 27.44 4.78 -2.46
N LYS A 437 27.68 5.46 -3.57
CA LYS A 437 28.94 5.33 -4.31
C LYS A 437 29.67 6.66 -4.51
N ASP A 438 29.05 7.75 -4.07
CA ASP A 438 29.57 9.09 -4.34
C ASP A 438 30.31 9.72 -3.16
N SER A 439 31.44 10.37 -3.47
CA SER A 439 32.18 11.15 -2.48
C SER A 439 32.77 12.44 -3.09
N ARG A 440 32.49 12.69 -4.36
CA ARG A 440 33.14 13.79 -5.08
C ARG A 440 32.25 14.73 -5.93
N THR A 441 30.97 14.40 -6.12
CA THR A 441 30.09 15.27 -6.89
C THR A 441 29.67 16.50 -6.08
N THR A 442 29.19 17.53 -6.77
CA THR A 442 28.87 18.81 -6.14
C THR A 442 27.39 18.93 -5.76
N ALA A 443 27.09 19.82 -4.82
CA ALA A 443 25.73 20.13 -4.40
C ALA A 443 24.84 20.53 -5.59
N GLU A 444 25.37 21.39 -6.46
CA GLU A 444 24.65 21.86 -7.64
C GLU A 444 24.18 20.71 -8.53
N THR A 445 25.10 19.79 -8.83
CA THR A 445 24.80 18.62 -9.67
C THR A 445 23.76 17.70 -9.02
N PHE A 446 23.95 17.43 -7.73
CA PHE A 446 23.05 16.55 -6.98
C PHE A 446 21.62 17.10 -6.92
N HIS A 447 21.49 18.39 -6.63
CA HIS A 447 20.18 19.05 -6.52
C HIS A 447 19.43 19.04 -7.82
N ALA A 448 20.14 19.20 -8.93
CA ALA A 448 19.53 19.15 -10.26
C ALA A 448 19.16 17.73 -10.67
N MET A 449 19.96 16.75 -10.22
CA MET A 449 19.70 15.34 -10.49
C MET A 449 18.49 14.80 -9.73
N TYR A 450 18.21 15.41 -8.58
CA TYR A 450 17.09 15.00 -7.75
C TYR A 450 16.09 16.15 -7.60
N PRO A 451 15.16 16.29 -8.57
CA PRO A 451 14.23 17.43 -8.57
C PRO A 451 13.30 17.49 -7.36
N ARG A 452 13.22 16.42 -6.58
CA ARG A 452 12.39 16.39 -5.37
C ARG A 452 13.21 16.66 -4.10
N VAL A 453 14.43 17.16 -4.28
CA VAL A 453 15.35 17.42 -3.16
C VAL A 453 14.84 18.53 -2.21
N ASP A 454 14.23 19.56 -2.78
CA ASP A 454 13.66 20.65 -1.97
C ASP A 454 12.50 20.16 -1.12
N GLU A 455 11.69 19.27 -1.70
CA GLU A 455 10.61 18.59 -0.99
C GLU A 455 11.14 17.81 0.20
N TRP A 456 12.29 17.16 0.01
CA TRP A 456 12.94 16.35 1.03
C TRP A 456 13.55 17.20 2.13
N ILE A 457 14.23 18.27 1.73
CA ILE A 457 14.86 19.21 2.67
C ILE A 457 13.81 19.82 3.60
N SER A 458 12.63 20.12 3.05
CA SER A 458 11.51 20.65 3.82
C SER A 458 11.10 19.71 4.95
N VAL A 459 11.05 18.40 4.64
CA VAL A 459 10.72 17.38 5.64
C VAL A 459 11.84 17.27 6.69
N ARG A 460 13.08 17.37 6.22
CA ARG A 460 14.25 17.26 7.09
CA ARG A 460 14.25 17.26 7.09
C ARG A 460 14.32 18.40 8.10
N ARG A 461 13.97 19.61 7.67
CA ARG A 461 13.99 20.79 8.53
C ARG A 461 12.90 20.77 9.59
N LYS A 462 11.78 20.13 9.27
CA LYS A 462 10.67 19.98 10.20
C LYS A 462 10.99 18.96 11.30
N VAL A 463 11.79 17.96 10.96
CA VAL A 463 12.12 16.88 11.89
C VAL A 463 13.46 17.10 12.61
N ASP A 464 14.31 17.94 12.03
CA ASP A 464 15.62 18.23 12.60
C ASP A 464 16.00 19.71 12.38
N PRO A 465 15.31 20.64 13.07
CA PRO A 465 15.58 22.07 12.90
C PRO A 465 16.98 22.48 13.37
N LEU A 466 17.48 21.83 14.42
CA LEU A 466 18.77 22.19 15.02
C LEU A 466 19.96 21.45 14.41
N ARG A 467 19.72 20.75 13.30
CA ARG A 467 20.77 20.00 12.58
C ARG A 467 21.53 19.01 13.47
N VAL A 468 20.79 18.33 14.33
CA VAL A 468 21.35 17.34 15.26
C VAL A 468 21.98 16.17 14.49
N PHE A 469 21.37 15.81 13.36
CA PHE A 469 21.90 14.77 12.49
C PHE A 469 22.63 15.38 11.30
N ALA A 470 23.89 14.97 11.13
CA ALA A 470 24.79 15.57 10.15
C ALA A 470 25.89 14.59 9.72
N SER A 471 26.35 14.74 8.49
CA SER A 471 27.43 13.91 7.94
C SER A 471 28.29 14.70 6.95
N ASP A 472 29.42 14.10 6.54
CA ASP A 472 30.28 14.70 5.52
C ASP A 472 29.58 14.88 4.18
N MET A 473 28.71 13.92 3.84
CA MET A 473 27.91 14.01 2.61
C MET A 473 26.90 15.15 2.68
N ALA A 474 26.19 15.26 3.81
CA ALA A 474 25.17 16.27 4.01
C ALA A 474 25.71 17.70 3.81
N ARG A 475 26.91 17.93 4.33
CA ARG A 475 27.58 19.24 4.19
C ARG A 475 28.06 19.47 2.76
N ARG A 476 28.67 18.43 2.18
CA ARG A 476 29.18 18.48 0.81
C ARG A 476 28.07 18.73 -0.22
N LEU A 477 26.97 17.97 -0.10
CA LEU A 477 25.87 18.08 -1.05
C LEU A 477 24.79 19.08 -0.62
N GLU A 478 25.09 19.85 0.43
CA GLU A 478 24.19 20.88 0.96
C GLU A 478 22.78 20.37 1.23
N LEU A 479 22.70 19.25 1.93
CA LEU A 479 21.43 18.68 2.37
C LEU A 479 21.24 19.00 3.85
N LEU A 480 22.32 19.43 4.48
CA LEU A 480 22.34 19.80 5.90
C LEU A 480 21.31 20.89 6.21
N THR B 26 -11.71 6.41 30.87
CA THR B 26 -10.36 5.85 30.56
C THR B 26 -10.27 5.36 29.11
N THR B 27 -9.28 5.86 28.38
CA THR B 27 -9.09 5.53 26.97
C THR B 27 -7.74 4.85 26.70
N THR B 28 -7.67 4.12 25.59
CA THR B 28 -6.43 3.47 25.16
C THR B 28 -5.98 4.03 23.81
N ALA B 29 -4.72 4.41 23.72
CA ALA B 29 -4.12 4.86 22.47
C ALA B 29 -3.95 3.68 21.52
N THR B 30 -4.59 3.76 20.36
CA THR B 30 -4.64 2.65 19.41
C THR B 30 -4.38 3.10 17.97
N ARG B 31 -3.57 2.32 17.26
CA ARG B 31 -3.36 2.53 15.83
C ARG B 31 -4.49 1.88 15.05
N LEU B 32 -5.30 2.72 14.40
CA LEU B 32 -6.49 2.24 13.71
C LEU B 32 -6.35 2.32 12.19
N THR B 33 -6.88 1.29 11.52
CA THR B 33 -7.01 1.30 10.07
C THR B 33 -8.44 0.88 9.73
N GLY B 34 -8.85 1.14 8.49
CA GLY B 34 -10.06 0.55 7.95
C GLY B 34 -9.82 -0.92 7.66
N TRP B 35 -10.73 -1.54 6.93
CA TRP B 35 -10.63 -2.98 6.63
C TRP B 35 -9.52 -3.30 5.67
N GLY B 36 -9.10 -2.31 4.89
CA GLY B 36 -8.00 -2.48 3.94
C GLY B 36 -6.61 -2.48 4.56
N ARG B 37 -6.54 -2.22 5.87
CA ARG B 37 -5.28 -2.22 6.64
C ARG B 37 -4.30 -1.15 6.13
N THR B 38 -4.84 -0.01 5.72
CA THR B 38 -4.02 1.07 5.15
C THR B 38 -4.33 2.43 5.78
N ALA B 39 -3.45 3.41 5.55
CA ALA B 39 -3.56 4.76 6.10
C ALA B 39 -3.86 4.79 7.61
N PRO B 40 -2.92 4.27 8.44
CA PRO B 40 -3.17 4.23 9.88
C PRO B 40 -3.03 5.60 10.56
N SER B 41 -3.78 5.78 11.65
CA SER B 41 -3.62 6.95 12.52
C SER B 41 -3.94 6.57 13.97
N VAL B 42 -3.18 7.14 14.90
CA VAL B 42 -3.32 6.85 16.32
C VAL B 42 -4.38 7.75 16.97
N ALA B 43 -5.31 7.12 17.70
CA ALA B 43 -6.35 7.83 18.43
C ALA B 43 -6.55 7.23 19.81
N ASN B 44 -7.15 8.01 20.70
CA ASN B 44 -7.60 7.51 21.99
C ASN B 44 -8.96 6.86 21.86
N VAL B 45 -9.02 5.56 22.15
CA VAL B 45 -10.22 4.77 21.96
C VAL B 45 -10.95 4.50 23.27
N LEU B 46 -12.15 5.06 23.39
CA LEU B 46 -13.05 4.75 24.50
C LEU B 46 -13.86 3.51 24.13
N ARG B 47 -13.89 2.55 25.05
CA ARG B 47 -14.66 1.32 24.86
C ARG B 47 -15.45 1.00 26.13
N THR B 48 -16.69 1.47 26.18
CA THR B 48 -17.54 1.29 27.35
C THR B 48 -18.95 0.80 26.99
N PRO B 49 -19.52 -0.10 27.81
CA PRO B 49 -20.93 -0.49 27.65
C PRO B 49 -21.88 0.54 28.27
N ASP B 50 -21.33 1.47 29.07
CA ASP B 50 -22.11 2.46 29.77
C ASP B 50 -22.45 3.64 28.85
N ALA B 51 -23.74 3.80 28.56
CA ALA B 51 -24.23 4.88 27.69
C ALA B 51 -24.01 6.26 28.29
N GLU B 52 -24.08 6.35 29.63
CA GLU B 52 -23.84 7.61 30.34
C GLU B 52 -22.39 8.09 30.21
N MET B 53 -21.47 7.13 30.10
CA MET B 53 -20.05 7.42 29.93
C MET B 53 -19.75 8.04 28.56
N ILE B 54 -20.43 7.54 27.54
CA ILE B 54 -20.32 8.06 26.17
C ILE B 54 -20.81 9.50 26.09
N VAL B 55 -21.93 9.78 26.76
CA VAL B 55 -22.47 11.14 26.86
C VAL B 55 -21.47 12.09 27.53
N LYS B 56 -20.83 11.60 28.59
CA LYS B 56 -19.81 12.36 29.32
C LYS B 56 -18.55 12.59 28.49
N ALA B 57 -18.18 11.60 27.67
CA ALA B 57 -17.02 11.70 26.80
C ALA B 57 -17.20 12.80 25.75
N VAL B 58 -18.40 12.86 25.18
CA VAL B 58 -18.77 13.90 24.21
C VAL B 58 -18.75 15.29 24.86
N ALA B 59 -19.28 15.36 26.08
CA ALA B 59 -19.30 16.61 26.86
C ALA B 59 -17.89 17.13 27.17
N ARG B 60 -16.95 16.21 27.42
CA ARG B 60 -15.57 16.55 27.71
C ARG B 60 -14.85 17.13 26.49
N VAL B 61 -15.16 16.58 25.32
CA VAL B 61 -14.58 17.06 24.05
C VAL B 61 -15.15 18.42 23.67
N ALA B 62 -16.44 18.64 23.94
CA ALA B 62 -17.09 19.92 23.69
C ALA B 62 -16.57 21.02 24.63
N GLU B 63 -16.27 20.63 25.87
CA GLU B 63 -15.69 21.52 26.87
C GLU B 63 -14.34 22.08 26.44
N SER B 64 -13.57 21.26 25.72
CA SER B 64 -12.21 21.61 25.29
C SER B 64 -12.17 22.43 24.00
N GLY B 65 -13.35 22.83 23.51
CA GLY B 65 -13.47 23.60 22.27
C GLY B 65 -12.94 22.85 21.06
N GLY B 66 -13.36 21.59 20.92
CA GLY B 66 -12.73 20.68 19.99
C GLY B 66 -11.28 20.52 20.42
N GLY B 67 -10.34 20.71 19.50
CA GLY B 67 -10.65 20.89 18.08
C GLY B 67 -10.48 19.57 17.36
N ARG B 68 -9.87 18.60 18.03
CA ARG B 68 -9.59 17.31 17.41
C ARG B 68 -10.80 16.39 17.33
N GLY B 69 -11.76 16.60 18.23
CA GLY B 69 -13.08 16.00 18.12
C GLY B 69 -13.20 14.52 18.39
N ALA B 70 -14.34 13.95 18.01
CA ALA B 70 -14.67 12.56 18.27
C ALA B 70 -15.43 11.92 17.11
N ILE B 71 -15.28 10.61 16.96
CA ILE B 71 -16.02 9.85 15.95
C ILE B 71 -16.37 8.46 16.48
N ALA B 72 -17.55 7.97 16.12
CA ALA B 72 -17.98 6.63 16.50
C ALA B 72 -17.33 5.58 15.61
N ARG B 73 -17.11 4.39 16.17
CA ARG B 73 -16.57 3.27 15.43
C ARG B 73 -17.44 2.04 15.64
N GLY B 74 -17.79 1.38 14.54
CA GLY B 74 -18.51 0.12 14.59
C GLY B 74 -17.55 -1.05 14.65
N LEU B 75 -17.68 -1.97 13.69
CA LEU B 75 -16.80 -3.14 13.62
C LEU B 75 -15.62 -2.96 12.68
N GLY B 76 -15.45 -1.73 12.17
CA GLY B 76 -14.30 -1.38 11.33
C GLY B 76 -14.29 -2.03 9.95
N ARG B 77 -15.48 -2.25 9.38
CA ARG B 77 -15.59 -2.92 8.08
C ARG B 77 -15.51 -1.98 6.88
N SER B 78 -15.60 -0.67 7.13
CA SER B 78 -15.29 0.31 6.10
C SER B 78 -13.82 0.19 5.72
N TYR B 79 -13.56 0.18 4.42
CA TYR B 79 -12.19 0.09 3.93
C TYR B 79 -11.43 1.41 4.10
N GLY B 80 -12.20 2.51 4.16
CA GLY B 80 -11.62 3.85 4.25
C GLY B 80 -11.20 4.30 5.63
N ASP B 81 -11.22 5.62 5.82
CA ASP B 81 -10.73 6.27 7.03
C ASP B 81 -11.82 7.06 7.77
N ASN B 82 -13.07 6.63 7.62
CA ASN B 82 -14.19 7.34 8.24
C ASN B 82 -14.48 6.95 9.69
N ALA B 83 -13.92 5.82 10.12
CA ALA B 83 -14.13 5.33 11.48
C ALA B 83 -12.91 5.54 12.39
N GLN B 84 -12.00 6.42 11.95
CA GLN B 84 -10.81 6.76 12.74
C GLN B 84 -10.62 8.27 12.82
N ASN B 85 -9.91 8.73 13.86
CA ASN B 85 -9.73 10.15 14.13
C ASN B 85 -8.35 10.45 14.72
N GLY B 86 -7.40 10.74 13.84
CA GLY B 86 -6.00 10.97 14.23
C GLY B 86 -5.81 12.02 15.30
N GLY B 87 -5.28 11.60 16.45
CA GLY B 87 -5.01 12.49 17.57
C GLY B 87 -6.24 12.94 18.34
N GLY B 88 -7.40 12.34 18.03
CA GLY B 88 -8.66 12.69 18.68
C GLY B 88 -9.28 11.52 19.42
N LEU B 89 -10.59 11.61 19.65
CA LEU B 89 -11.32 10.55 20.33
C LEU B 89 -12.05 9.65 19.33
N VAL B 90 -11.98 8.34 19.57
CA VAL B 90 -12.76 7.38 18.82
C VAL B 90 -13.57 6.54 19.82
N ILE B 91 -14.89 6.55 19.65
CA ILE B 91 -15.77 5.80 20.56
C ILE B 91 -16.22 4.49 19.91
N ASP B 92 -15.73 3.38 20.47
CA ASP B 92 -16.06 2.04 20.02
C ASP B 92 -17.46 1.67 20.52
N MET B 93 -18.40 1.55 19.58
CA MET B 93 -19.81 1.37 19.92
C MET B 93 -20.25 -0.07 20.13
N THR B 94 -19.34 -1.01 19.86
CA THR B 94 -19.64 -2.45 19.91
C THR B 94 -20.09 -3.02 21.28
N PRO B 95 -19.60 -2.47 22.41
CA PRO B 95 -20.09 -2.97 23.70
C PRO B 95 -21.56 -2.62 23.96
N LEU B 96 -22.06 -1.59 23.29
CA LEU B 96 -23.48 -1.22 23.39
C LEU B 96 -24.27 -2.04 22.37
N ASN B 97 -24.55 -3.30 22.73
CA ASN B 97 -25.11 -4.27 21.78
C ASN B 97 -26.40 -4.96 22.26
N THR B 98 -27.23 -4.24 23.01
CA THR B 98 -28.48 -4.79 23.52
C THR B 98 -29.58 -4.78 22.46
N ILE B 99 -30.25 -5.92 22.30
CA ILE B 99 -31.49 -5.99 21.53
C ILE B 99 -32.63 -5.75 22.51
N HIS B 100 -33.24 -4.57 22.43
CA HIS B 100 -34.28 -4.16 23.36
C HIS B 100 -35.58 -4.87 23.15
N SER B 101 -36.05 -4.91 21.91
CA SER B 101 -37.30 -5.60 21.58
C SER B 101 -37.42 -5.99 20.11
N ILE B 102 -38.13 -7.09 19.86
CA ILE B 102 -38.55 -7.48 18.53
C ILE B 102 -40.05 -7.78 18.59
N ASP B 103 -40.80 -7.20 17.65
CA ASP B 103 -42.25 -7.37 17.60
C ASP B 103 -42.63 -7.91 16.22
N ALA B 104 -43.26 -9.09 16.20
CA ALA B 104 -43.62 -9.75 14.95
C ALA B 104 -44.87 -9.14 14.28
N ASP B 105 -45.71 -8.49 15.08
CA ASP B 105 -46.94 -7.86 14.58
C ASP B 105 -46.65 -6.53 13.88
N THR B 106 -45.83 -5.70 14.51
CA THR B 106 -45.45 -4.39 13.96
C THR B 106 -44.23 -4.48 13.05
N LYS B 107 -43.58 -5.66 13.06
CA LYS B 107 -42.37 -5.95 12.28
C LYS B 107 -41.16 -5.09 12.65
N LEU B 108 -41.21 -4.46 13.82
CA LEU B 108 -40.17 -3.55 14.26
C LEU B 108 -39.15 -4.21 15.19
N VAL B 109 -37.90 -3.78 15.09
CA VAL B 109 -36.86 -4.15 16.05
C VAL B 109 -36.27 -2.90 16.69
N ASP B 110 -36.08 -2.96 18.01
CA ASP B 110 -35.48 -1.85 18.77
C ASP B 110 -34.14 -2.33 19.31
N ILE B 111 -33.06 -1.75 18.79
CA ILE B 111 -31.70 -2.20 19.13
C ILE B 111 -30.73 -1.05 19.38
N ASP B 112 -29.72 -1.32 20.20
CA ASP B 112 -28.58 -0.42 20.36
C ASP B 112 -27.81 -0.36 19.06
N ALA B 113 -27.13 0.77 18.82
CA ALA B 113 -26.41 0.98 17.57
C ALA B 113 -25.22 0.03 17.37
N GLY B 114 -24.82 -0.63 18.46
CA GLY B 114 -23.67 -1.54 18.43
C GLY B 114 -23.97 -2.99 18.12
N VAL B 115 -25.25 -3.34 18.01
CA VAL B 115 -25.61 -4.71 17.60
C VAL B 115 -25.27 -4.88 16.13
N ASN B 116 -24.74 -6.05 15.79
CA ASN B 116 -24.38 -6.33 14.40
C ASN B 116 -25.47 -7.08 13.66
N LEU B 117 -25.43 -7.03 12.33
CA LEU B 117 -26.48 -7.58 11.48
C LEU B 117 -26.58 -9.10 11.57
N ASP B 118 -25.46 -9.77 11.82
CA ASP B 118 -25.44 -11.22 12.06
C ASP B 118 -26.21 -11.54 13.33
N GLN B 119 -25.90 -10.82 14.40
CA GLN B 119 -26.59 -10.92 15.68
C GLN B 119 -28.08 -10.64 15.51
N LEU B 120 -28.40 -9.60 14.75
CA LEU B 120 -29.80 -9.21 14.49
C LEU B 120 -30.53 -10.25 13.65
N MET B 121 -29.84 -10.81 12.66
CA MET B 121 -30.43 -11.85 11.80
C MET B 121 -30.85 -13.09 12.60
N LYS B 122 -29.96 -13.56 13.46
CA LYS B 122 -30.22 -14.73 14.30
C LYS B 122 -31.38 -14.51 15.27
N ALA B 123 -31.44 -13.30 15.84
CA ALA B 123 -32.47 -12.97 16.82
C ALA B 123 -33.86 -12.81 16.20
N ALA B 124 -33.90 -12.29 14.98
CA ALA B 124 -35.16 -11.92 14.33
C ALA B 124 -35.86 -13.06 13.58
N LEU B 125 -35.11 -14.07 13.16
CA LEU B 125 -35.66 -15.18 12.39
C LEU B 125 -36.77 -16.01 13.06
N PRO B 126 -36.63 -16.31 14.37
CA PRO B 126 -37.72 -17.00 15.08
C PRO B 126 -39.04 -16.20 15.14
N PHE B 127 -38.98 -14.92 14.77
CA PHE B 127 -40.19 -14.08 14.70
C PHE B 127 -40.78 -14.07 13.30
N GLY B 128 -40.08 -14.69 12.35
CA GLY B 128 -40.44 -14.64 10.94
C GLY B 128 -40.12 -13.27 10.36
N LEU B 129 -39.01 -12.69 10.81
CA LEU B 129 -38.57 -11.38 10.35
C LEU B 129 -37.18 -11.44 9.74
N TRP B 130 -36.93 -10.57 8.77
CA TRP B 130 -35.72 -10.61 7.95
C TRP B 130 -35.12 -9.24 7.85
N VAL B 131 -33.81 -9.16 8.03
CA VAL B 131 -33.07 -7.89 7.91
C VAL B 131 -33.23 -7.36 6.49
N PRO B 132 -33.88 -6.17 6.35
CA PRO B 132 -34.30 -5.62 5.06
C PRO B 132 -33.17 -5.35 4.07
N VAL B 133 -31.99 -4.99 4.57
CA VAL B 133 -30.81 -4.78 3.73
C VAL B 133 -29.60 -5.49 4.34
N LEU B 134 -28.95 -6.32 3.54
CA LEU B 134 -27.75 -7.04 3.98
C LEU B 134 -26.58 -6.82 3.02
N PRO B 135 -25.42 -6.42 3.56
CA PRO B 135 -24.23 -6.21 2.75
C PRO B 135 -23.47 -7.51 2.50
N GLY B 136 -22.31 -7.42 1.86
CA GLY B 136 -21.47 -8.59 1.57
C GLY B 136 -21.01 -9.38 2.79
N THR B 137 -20.88 -8.67 3.91
CA THR B 137 -20.54 -9.28 5.19
C THR B 137 -21.59 -8.93 6.24
N ARG B 138 -21.80 -9.84 7.19
CA ARG B 138 -22.78 -9.62 8.26
C ARG B 138 -22.16 -8.99 9.51
N GLN B 139 -20.84 -8.81 9.47
CA GLN B 139 -20.10 -8.23 10.59
C GLN B 139 -20.04 -6.70 10.50
N VAL B 140 -21.22 -6.06 10.45
CA VAL B 140 -21.31 -4.61 10.51
C VAL B 140 -22.36 -4.20 11.54
N THR B 141 -22.12 -3.07 12.22
CA THR B 141 -23.05 -2.58 13.24
C THR B 141 -24.21 -1.83 12.60
N VAL B 142 -25.32 -1.73 13.35
CA VAL B 142 -26.48 -0.93 12.93
C VAL B 142 -26.05 0.52 12.72
N GLY B 143 -25.24 1.04 13.65
CA GLY B 143 -24.65 2.38 13.52
C GLY B 143 -23.88 2.57 12.22
N GLY B 144 -23.07 1.58 11.86
CA GLY B 144 -22.32 1.61 10.61
C GLY B 144 -23.19 1.44 9.39
N ALA B 145 -24.23 0.61 9.52
CA ALA B 145 -25.19 0.37 8.44
C ALA B 145 -25.93 1.66 8.04
N ILE B 146 -26.29 2.46 9.04
CA ILE B 146 -27.00 3.72 8.83
C ILE B 146 -26.06 4.81 8.31
N ALA B 147 -24.89 4.94 8.95
CA ALA B 147 -23.93 6.00 8.63
C ALA B 147 -23.29 5.88 7.25
N CYS B 148 -23.28 4.67 6.71
CA CYS B 148 -22.83 4.45 5.34
C CYS B 148 -24.02 4.20 4.41
N ASP B 149 -25.23 4.25 4.98
CA ASP B 149 -26.47 3.97 4.25
C ASP B 149 -26.29 2.77 3.32
N ILE B 150 -25.95 1.63 3.91
CA ILE B 150 -25.49 0.46 3.17
C ILE B 150 -26.53 -0.11 2.21
N HIS B 151 -26.04 -0.77 1.16
CA HIS B 151 -26.89 -1.38 0.15
C HIS B 151 -26.62 -2.85 0.03
N GLY B 152 -27.57 -3.58 -0.54
CA GLY B 152 -27.44 -5.01 -0.74
C GLY B 152 -27.93 -5.49 -2.09
N LYS B 153 -28.07 -6.80 -2.21
CA LYS B 153 -28.48 -7.46 -3.45
C LYS B 153 -29.90 -7.06 -3.90
N ASN B 154 -30.64 -6.44 -2.98
CA ASN B 154 -32.04 -6.09 -3.22
C ASN B 154 -32.31 -4.59 -3.33
N HIS B 155 -31.29 -3.80 -3.67
CA HIS B 155 -31.44 -2.35 -3.71
C HIS B 155 -32.53 -1.88 -4.64
N HIS B 156 -32.63 -2.50 -5.81
CA HIS B 156 -33.60 -2.10 -6.82
C HIS B 156 -35.04 -2.25 -6.37
N SER B 157 -35.27 -3.15 -5.41
CA SER B 157 -36.61 -3.41 -4.89
C SER B 157 -36.86 -2.87 -3.48
N ALA B 158 -35.79 -2.67 -2.71
CA ALA B 158 -35.92 -2.31 -1.30
C ALA B 158 -35.22 -1.00 -0.92
N GLY B 159 -34.39 -0.47 -1.81
CA GLY B 159 -33.58 0.71 -1.50
C GLY B 159 -32.44 0.33 -0.57
N SER B 160 -31.89 1.34 0.12
CA SER B 160 -30.76 1.13 1.04
C SER B 160 -31.23 1.03 2.49
N PHE B 161 -30.28 0.87 3.41
CA PHE B 161 -30.58 0.64 4.83
C PHE B 161 -31.36 1.78 5.48
N GLY B 162 -31.06 3.02 5.07
CA GLY B 162 -31.74 4.20 5.60
C GLY B 162 -33.23 4.25 5.32
N ASN B 163 -33.67 3.53 4.28
CA ASN B 163 -35.08 3.46 3.90
C ASN B 163 -35.95 2.71 4.90
N HIS B 164 -35.32 1.92 5.76
CA HIS B 164 -36.03 1.02 6.67
C HIS B 164 -35.89 1.41 8.13
N VAL B 165 -35.21 2.52 8.38
CA VAL B 165 -35.08 3.07 9.73
C VAL B 165 -36.32 3.92 10.03
N ARG B 166 -37.09 3.50 11.04
CA ARG B 166 -38.31 4.22 11.42
C ARG B 166 -38.06 5.30 12.46
N SER B 167 -37.01 5.12 13.27
CA SER B 167 -36.54 6.14 14.20
C SER B 167 -35.11 5.83 14.65
N MET B 168 -34.41 6.84 15.16
CA MET B 168 -33.09 6.65 15.77
C MET B 168 -32.74 7.73 16.78
N ASP B 169 -32.08 7.32 17.88
CA ASP B 169 -31.64 8.23 18.93
C ASP B 169 -30.22 8.71 18.65
N LEU B 170 -30.09 9.99 18.34
CA LEU B 170 -28.80 10.60 18.01
C LEU B 170 -28.29 11.52 19.12
N LEU B 171 -27.15 11.16 19.68
CA LEU B 171 -26.45 12.01 20.64
C LEU B 171 -25.69 13.09 19.87
N THR B 172 -26.09 14.34 20.05
CA THR B 172 -25.48 15.46 19.35
C THR B 172 -24.41 16.17 20.18
N ALA B 173 -23.79 17.20 19.60
CA ALA B 173 -22.68 17.92 20.21
C ALA B 173 -23.02 18.60 21.53
N ASP B 174 -24.24 19.14 21.62
CA ASP B 174 -24.70 19.85 22.83
C ASP B 174 -24.98 18.93 24.02
N GLY B 175 -24.87 17.61 23.80
CA GLY B 175 -25.08 16.63 24.86
C GLY B 175 -26.49 16.08 24.91
N GLU B 176 -27.36 16.61 24.04
CA GLU B 176 -28.75 16.17 23.96
C GLU B 176 -28.86 14.91 23.11
N ILE B 177 -29.74 14.00 23.54
CA ILE B 177 -30.10 12.83 22.74
C ILE B 177 -31.41 13.10 21.99
N ARG B 178 -31.31 13.22 20.68
CA ARG B 178 -32.44 13.60 19.84
C ARG B 178 -33.11 12.40 19.17
N HIS B 179 -34.44 12.35 19.27
CA HIS B 179 -35.23 11.30 18.65
C HIS B 179 -35.62 11.73 17.26
N LEU B 180 -35.13 11.00 16.26
CA LEU B 180 -35.30 11.39 14.85
C LEU B 180 -36.18 10.41 14.08
N THR B 181 -36.96 10.95 13.15
CA THR B 181 -37.85 10.16 12.28
C THR B 181 -37.70 10.60 10.82
N PRO B 182 -38.00 9.69 9.87
CA PRO B 182 -37.82 10.02 8.43
C PRO B 182 -38.79 11.06 7.88
N THR B 183 -40.00 11.12 8.42
CA THR B 183 -41.03 12.07 7.96
C THR B 183 -41.52 12.98 9.08
N GLY B 184 -40.79 12.99 10.19
CA GLY B 184 -41.14 13.83 11.34
C GLY B 184 -40.65 15.26 11.17
N GLU B 185 -40.60 15.97 12.30
CA GLU B 185 -40.21 17.37 12.31
C GLU B 185 -38.68 17.53 12.28
N ASP B 186 -37.98 16.45 12.60
CA ASP B 186 -36.51 16.41 12.53
C ASP B 186 -36.02 15.62 11.32
N ALA B 187 -36.86 15.57 10.28
CA ALA B 187 -36.58 14.79 9.07
C ALA B 187 -35.26 15.16 8.39
N GLU B 188 -34.95 16.45 8.38
CA GLU B 188 -33.74 16.97 7.76
C GLU B 188 -32.47 16.38 8.39
N LEU B 189 -32.41 16.39 9.72
CA LEU B 189 -31.27 15.85 10.46
C LEU B 189 -31.20 14.33 10.37
N PHE B 190 -32.35 13.68 10.34
CA PHE B 190 -32.46 12.24 10.14
C PHE B 190 -31.76 11.81 8.85
N TRP B 191 -32.08 12.50 7.77
CA TRP B 191 -31.54 12.17 6.44
C TRP B 191 -30.12 12.64 6.23
N ALA B 192 -29.66 13.56 7.08
CA ALA B 192 -28.27 13.97 7.09
C ALA B 192 -27.42 12.96 7.88
N THR B 193 -28.06 12.26 8.80
CA THR B 193 -27.42 11.22 9.60
C THR B 193 -27.31 9.92 8.79
N VAL B 194 -28.31 9.64 7.98
CA VAL B 194 -28.28 8.53 7.03
C VAL B 194 -27.20 8.84 5.99
N GLY B 195 -26.18 7.98 5.93
CA GLY B 195 -25.05 8.18 5.02
C GLY B 195 -24.14 9.33 5.43
N GLY B 196 -24.25 9.76 6.68
CA GLY B 196 -23.52 10.92 7.18
C GLY B 196 -22.14 10.62 7.76
N ASN B 197 -21.76 9.34 7.75
CA ASN B 197 -20.45 8.89 8.22
C ASN B 197 -20.11 9.28 9.68
N GLY B 198 -21.15 9.34 10.51
CA GLY B 198 -20.99 9.65 11.93
C GLY B 198 -20.68 11.10 12.25
N LEU B 199 -20.90 11.99 11.28
CA LEU B 199 -20.53 13.39 11.42
C LEU B 199 -21.65 14.30 11.93
N THR B 200 -22.81 13.71 12.23
CA THR B 200 -23.91 14.46 12.86
C THR B 200 -24.02 14.14 14.34
N GLY B 201 -23.22 13.18 14.79
CA GLY B 201 -23.25 12.73 16.18
C GLY B 201 -23.17 11.22 16.28
N ILE B 202 -23.42 10.71 17.49
CA ILE B 202 -23.36 9.28 17.74
C ILE B 202 -24.76 8.69 17.81
N ILE B 203 -25.05 7.77 16.90
CA ILE B 203 -26.29 7.00 16.94
C ILE B 203 -26.20 6.01 18.12
N MET B 204 -27.18 6.06 19.00
CA MET B 204 -27.18 5.24 20.22
C MET B 204 -28.11 4.05 20.08
N ARG B 205 -29.25 4.28 19.42
CA ARG B 205 -30.36 3.34 19.39
C ARG B 205 -31.16 3.60 18.12
N ALA B 206 -31.74 2.54 17.56
CA ALA B 206 -32.54 2.68 16.34
C ALA B 206 -33.70 1.69 16.28
N THR B 207 -34.77 2.11 15.62
CA THR B 207 -35.88 1.22 15.30
C THR B 207 -35.86 0.93 13.80
N ILE B 208 -35.74 -0.35 13.46
CA ILE B 208 -35.71 -0.78 12.07
C ILE B 208 -36.99 -1.55 11.76
N GLU B 209 -37.61 -1.24 10.63
CA GLU B 209 -38.71 -2.06 10.14
C GLU B 209 -38.15 -3.21 9.32
N MET B 210 -38.53 -4.42 9.71
CA MET B 210 -38.03 -5.64 9.08
C MET B 210 -38.95 -6.11 7.96
N THR B 211 -38.45 -7.03 7.14
CA THR B 211 -39.21 -7.65 6.07
C THR B 211 -39.76 -8.99 6.56
N PRO B 212 -41.07 -9.22 6.42
CA PRO B 212 -41.65 -10.50 6.82
C PRO B 212 -41.16 -11.66 5.96
N THR B 213 -40.92 -12.80 6.58
CA THR B 213 -40.53 -14.02 5.88
C THR B 213 -41.05 -15.26 6.61
N SER B 214 -41.30 -16.33 5.87
CA SER B 214 -41.68 -17.61 6.47
C SER B 214 -40.50 -18.58 6.49
N THR B 215 -39.45 -18.26 5.72
CA THR B 215 -38.24 -19.09 5.67
C THR B 215 -36.96 -18.26 5.73
N ALA B 216 -35.84 -18.95 5.96
CA ALA B 216 -34.52 -18.35 5.86
C ALA B 216 -33.85 -18.77 4.54
N TYR B 217 -34.67 -19.03 3.52
CA TYR B 217 -34.18 -19.54 2.24
C TYR B 217 -34.56 -18.67 1.06
N PHE B 218 -33.80 -18.83 -0.03
CA PHE B 218 -34.05 -18.13 -1.29
C PHE B 218 -34.42 -19.12 -2.40
N ILE B 219 -35.37 -18.72 -3.24
CA ILE B 219 -35.63 -19.41 -4.50
C ILE B 219 -34.86 -18.63 -5.57
N ALA B 220 -33.92 -19.30 -6.23
CA ALA B 220 -33.00 -18.60 -7.14
C ALA B 220 -33.07 -19.06 -8.59
N ASP B 221 -32.92 -18.10 -9.49
CA ASP B 221 -32.72 -18.35 -10.91
C ASP B 221 -31.30 -17.93 -11.29
N GLY B 222 -30.62 -18.78 -12.04
CA GLY B 222 -29.25 -18.49 -12.49
C GLY B 222 -29.14 -18.37 -13.99
N ASP B 223 -28.38 -17.38 -14.44
CA ASP B 223 -28.12 -17.15 -15.86
C ASP B 223 -26.66 -16.81 -16.11
N VAL B 224 -26.12 -17.35 -17.20
CA VAL B 224 -24.77 -17.00 -17.64
C VAL B 224 -24.85 -16.32 -19.01
N THR B 225 -24.28 -15.12 -19.08
CA THR B 225 -24.21 -14.36 -20.33
C THR B 225 -22.86 -14.61 -21.00
N ALA B 226 -22.78 -14.25 -22.28
CA ALA B 226 -21.56 -14.47 -23.07
C ALA B 226 -20.78 -13.19 -23.35
N SER B 227 -21.40 -12.03 -23.06
CA SER B 227 -20.78 -10.74 -23.34
C SER B 227 -21.28 -9.62 -22.40
N LEU B 228 -20.64 -8.46 -22.50
CA LEU B 228 -21.07 -7.26 -21.77
C LEU B 228 -22.45 -6.84 -22.25
N ASP B 229 -22.65 -6.92 -23.58
CA ASP B 229 -23.93 -6.58 -24.21
C ASP B 229 -25.07 -7.43 -23.67
N GLU B 230 -24.82 -8.74 -23.52
CA GLU B 230 -25.81 -9.66 -22.97
C GLU B 230 -26.09 -9.39 -21.49
N THR B 231 -25.03 -9.11 -20.74
CA THR B 231 -25.16 -8.76 -19.31
C THR B 231 -26.03 -7.51 -19.15
N ILE B 232 -25.76 -6.50 -19.97
CA ILE B 232 -26.53 -5.25 -19.96
C ILE B 232 -27.98 -5.48 -20.43
N ALA B 233 -28.13 -6.21 -21.54
CA ALA B 233 -29.45 -6.52 -22.09
C ALA B 233 -30.34 -7.28 -21.10
N LEU B 234 -29.75 -8.23 -20.38
CA LEU B 234 -30.44 -9.01 -19.34
C LEU B 234 -30.96 -8.10 -18.22
N HIS B 235 -30.23 -7.01 -17.96
CA HIS B 235 -30.60 -6.04 -16.93
C HIS B 235 -31.48 -4.95 -17.45
N SER B 236 -31.68 -4.91 -18.76
CA SER B 236 -32.45 -3.84 -19.41
C SER B 236 -33.74 -4.32 -20.06
N ASP B 237 -34.01 -5.63 -19.98
CA ASP B 237 -35.17 -6.21 -20.67
C ASP B 237 -36.45 -6.24 -19.83
N GLY B 238 -36.34 -5.90 -18.55
CA GLY B 238 -37.49 -5.85 -17.66
C GLY B 238 -37.61 -7.04 -16.72
N SER B 239 -36.67 -7.98 -16.84
CA SER B 239 -36.67 -9.18 -16.00
C SER B 239 -36.31 -8.90 -14.54
N GLU B 240 -35.59 -7.81 -14.32
CA GLU B 240 -35.19 -7.40 -12.96
C GLU B 240 -36.38 -7.18 -12.03
N ALA B 241 -37.53 -6.86 -12.61
CA ALA B 241 -38.76 -6.62 -11.86
C ALA B 241 -39.37 -7.91 -11.26
N ARG B 242 -38.95 -9.07 -11.76
CA ARG B 242 -39.46 -10.35 -11.26
C ARG B 242 -38.64 -10.91 -10.10
N TYR B 243 -37.61 -10.19 -9.67
CA TYR B 243 -36.76 -10.61 -8.57
C TYR B 243 -36.53 -9.48 -7.59
N THR B 244 -36.72 -9.77 -6.30
CA THR B 244 -36.40 -8.80 -5.26
C THR B 244 -34.90 -8.66 -5.07
N TYR B 245 -34.17 -9.77 -5.26
CA TYR B 245 -32.71 -9.79 -5.12
C TYR B 245 -32.02 -10.09 -6.45
N SER B 246 -30.94 -9.39 -6.74
CA SER B 246 -30.16 -9.59 -7.96
C SER B 246 -28.74 -9.04 -7.87
N SER B 247 -27.77 -9.87 -8.27
CA SER B 247 -26.37 -9.45 -8.44
C SER B 247 -25.67 -10.39 -9.42
N ALA B 248 -24.51 -9.97 -9.92
CA ALA B 248 -23.76 -10.76 -10.89
C ALA B 248 -22.25 -10.75 -10.62
N TRP B 249 -21.62 -11.89 -10.86
CA TRP B 249 -20.16 -11.98 -10.87
C TRP B 249 -19.67 -11.66 -12.25
N PHE B 250 -18.74 -10.71 -12.31
CA PHE B 250 -18.39 -10.00 -13.55
C PHE B 250 -17.01 -10.41 -14.06
N ASP B 251 -16.91 -10.63 -15.36
CA ASP B 251 -15.62 -10.92 -16.00
C ASP B 251 -15.02 -9.64 -16.57
N ALA B 252 -13.97 -9.17 -15.92
CA ALA B 252 -13.31 -7.92 -16.31
C ALA B 252 -11.86 -8.14 -16.76
N ILE B 253 -11.51 -9.38 -17.06
CA ILE B 253 -10.14 -9.73 -17.44
C ILE B 253 -10.04 -10.08 -18.93
N SER B 254 -10.98 -10.90 -19.42
CA SER B 254 -11.01 -11.32 -20.81
C SER B 254 -11.31 -10.16 -21.76
N ALA B 255 -10.86 -10.29 -23.01
CA ALA B 255 -11.03 -9.26 -24.03
C ALA B 255 -12.34 -9.46 -24.81
N PRO B 256 -12.90 -8.37 -25.37
CA PRO B 256 -14.15 -8.44 -26.15
C PRO B 256 -14.14 -9.54 -27.22
N PRO B 257 -15.30 -10.16 -27.47
CA PRO B 257 -16.60 -9.87 -26.85
C PRO B 257 -16.83 -10.62 -25.53
N LYS B 258 -15.83 -11.36 -25.07
CA LYS B 258 -15.89 -12.05 -23.78
C LYS B 258 -16.06 -11.08 -22.62
N LEU B 259 -15.38 -9.94 -22.71
CA LEU B 259 -15.42 -8.93 -21.66
C LEU B 259 -16.85 -8.61 -21.23
N GLY B 260 -17.08 -8.66 -19.93
CA GLY B 260 -18.38 -8.31 -19.36
C GLY B 260 -19.38 -9.44 -19.31
N ARG B 261 -18.97 -10.64 -19.73
CA ARG B 261 -19.80 -11.84 -19.53
C ARG B 261 -19.98 -12.05 -18.04
N ALA B 262 -21.16 -12.52 -17.63
CA ALA B 262 -21.46 -12.59 -16.21
C ALA B 262 -22.25 -13.82 -15.80
N ALA B 263 -21.97 -14.28 -14.58
CA ALA B 263 -22.81 -15.25 -13.90
C ALA B 263 -23.78 -14.47 -13.02
N VAL B 264 -25.05 -14.47 -13.40
CA VAL B 264 -26.08 -13.67 -12.73
C VAL B 264 -26.87 -14.52 -11.75
N SER B 265 -26.97 -14.04 -10.51
CA SER B 265 -27.73 -14.70 -9.46
C SER B 265 -28.91 -13.83 -9.04
N ARG B 266 -30.12 -14.35 -9.23
CA ARG B 266 -31.34 -13.59 -8.94
C ARG B 266 -32.37 -14.46 -8.23
N GLY B 267 -33.19 -13.83 -7.39
CA GLY B 267 -34.24 -14.55 -6.68
C GLY B 267 -35.05 -13.75 -5.69
N ARG B 268 -35.83 -14.46 -4.88
CA ARG B 268 -36.65 -13.88 -3.83
C ARG B 268 -36.68 -14.83 -2.63
N LEU B 269 -37.21 -14.35 -1.51
CA LEU B 269 -37.35 -15.19 -0.31
C LEU B 269 -38.39 -16.29 -0.53
N ALA B 270 -38.02 -17.51 -0.13
CA ALA B 270 -38.90 -18.67 -0.28
C ALA B 270 -40.03 -18.67 0.72
N THR B 271 -41.18 -19.21 0.32
CA THR B 271 -42.24 -19.56 1.26
C THR B 271 -42.01 -20.99 1.70
N VAL B 272 -42.65 -21.40 2.81
CA VAL B 272 -42.47 -22.73 3.39
C VAL B 272 -42.81 -23.87 2.42
N GLU B 273 -43.86 -23.67 1.62
CA GLU B 273 -44.33 -24.68 0.66
C GLU B 273 -43.29 -25.03 -0.40
N GLN B 274 -42.43 -24.06 -0.73
CA GLN B 274 -41.43 -24.21 -1.80
C GLN B 274 -40.22 -25.04 -1.38
N LEU B 275 -40.10 -25.27 -0.06
CA LEU B 275 -38.99 -26.04 0.50
C LEU B 275 -39.18 -27.54 0.29
N PRO B 276 -38.08 -28.26 0.02
CA PRO B 276 -38.12 -29.73 0.01
C PRO B 276 -38.54 -30.28 1.36
N ALA B 277 -39.17 -31.45 1.35
CA ALA B 277 -39.74 -32.07 2.56
C ALA B 277 -38.76 -32.17 3.73
N LYS B 278 -37.49 -32.45 3.41
CA LYS B 278 -36.43 -32.57 4.40
C LYS B 278 -36.20 -31.26 5.19
N LEU B 279 -36.56 -30.13 4.58
CA LEU B 279 -36.29 -28.81 5.16
C LEU B 279 -37.54 -28.07 5.65
N ARG B 280 -38.72 -28.61 5.36
CA ARG B 280 -39.99 -27.98 5.76
C ARG B 280 -40.20 -27.87 7.27
N SER B 281 -39.63 -28.81 8.01
CA SER B 281 -39.78 -28.86 9.47
C SER B 281 -39.16 -27.66 10.19
N GLU B 282 -38.02 -27.21 9.69
CA GLU B 282 -37.33 -26.05 10.26
C GLU B 282 -37.10 -24.97 9.19
N PRO B 283 -38.18 -24.25 8.80
CA PRO B 283 -38.08 -23.31 7.69
C PRO B 283 -37.22 -22.08 7.99
N LEU B 284 -37.16 -21.70 9.27
CA LEU B 284 -36.50 -20.46 9.70
C LEU B 284 -35.09 -20.68 10.29
N LYS B 285 -34.63 -21.93 10.29
CA LYS B 285 -33.26 -22.26 10.71
C LYS B 285 -32.25 -21.57 9.79
N PHE B 286 -31.30 -20.84 10.38
CA PHE B 286 -30.29 -20.13 9.60
C PHE B 286 -29.12 -21.05 9.21
N LYS B 318 -21.40 -24.54 -16.49
CA LYS B 318 -21.64 -25.88 -15.95
C LYS B 318 -22.66 -25.84 -14.82
N SER B 319 -22.48 -24.89 -13.90
CA SER B 319 -23.40 -24.71 -12.77
C SER B 319 -24.06 -23.33 -12.81
N GLY B 320 -24.01 -22.69 -13.98
CA GLY B 320 -24.47 -21.31 -14.13
C GLY B 320 -25.94 -21.11 -14.38
N THR B 321 -26.52 -21.93 -15.25
CA THR B 321 -27.94 -21.80 -15.61
C THR B 321 -28.81 -22.76 -14.80
N TYR B 322 -29.78 -22.19 -14.07
CA TYR B 322 -30.74 -22.96 -13.28
C TYR B 322 -31.99 -22.15 -12.98
N ARG B 323 -33.07 -22.85 -12.63
CA ARG B 323 -34.35 -22.22 -12.29
C ARG B 323 -34.94 -22.78 -11.01
N GLY B 324 -35.45 -21.90 -10.16
CA GLY B 324 -36.13 -22.28 -8.92
C GLY B 324 -35.34 -23.14 -7.97
N LYS B 325 -34.06 -22.81 -7.79
CA LYS B 325 -33.19 -23.55 -6.88
C LYS B 325 -33.30 -23.01 -5.46
N VAL B 326 -33.57 -23.91 -4.51
CA VAL B 326 -33.66 -23.54 -3.10
C VAL B 326 -32.25 -23.39 -2.53
N GLN B 327 -31.96 -22.20 -2.02
CA GLN B 327 -30.64 -21.88 -1.49
C GLN B 327 -30.74 -21.17 -0.15
N ASN B 328 -29.86 -21.55 0.78
CA ASN B 328 -29.73 -20.82 2.03
C ASN B 328 -28.95 -19.51 1.83
N LEU B 329 -28.78 -18.76 2.91
CA LEU B 329 -28.09 -17.48 2.86
C LEU B 329 -26.67 -17.58 2.27
N THR B 330 -25.93 -18.61 2.67
CA THR B 330 -24.56 -18.83 2.21
C THR B 330 -24.50 -19.13 0.70
N GLN B 331 -25.35 -20.07 0.25
CA GLN B 331 -25.39 -20.50 -1.14
C GLN B 331 -25.79 -19.38 -2.11
N PHE B 332 -26.75 -18.56 -1.67
CA PHE B 332 -27.31 -17.49 -2.50
C PHE B 332 -26.35 -16.34 -2.73
N TYR B 333 -25.34 -16.22 -1.88
CA TYR B 333 -24.40 -15.09 -1.96
C TYR B 333 -23.06 -15.40 -2.64
N HIS B 334 -22.68 -16.68 -2.68
CA HIS B 334 -21.60 -17.21 -3.56
C HIS B 334 -21.22 -18.62 -3.21
N ALA B 349 -5.57 -6.47 2.63
CA ALA B 349 -4.19 -6.00 2.58
C ALA B 349 -3.53 -6.38 1.25
N GLY B 350 -2.91 -5.40 0.61
CA GLY B 350 -2.29 -5.61 -0.70
C GLY B 350 -3.29 -5.58 -1.84
N PHE B 351 -4.47 -5.03 -1.56
CA PHE B 351 -5.54 -4.91 -2.54
C PHE B 351 -6.22 -3.54 -2.45
N LEU B 352 -6.54 -2.97 -3.59
CA LEU B 352 -7.31 -1.73 -3.63
C LEU B 352 -8.74 -2.01 -4.08
N GLN B 353 -9.67 -1.82 -3.15
CA GLN B 353 -11.09 -2.03 -3.39
C GLN B 353 -11.66 -0.77 -4.02
N TYR B 354 -12.35 -0.93 -5.15
CA TYR B 354 -12.87 0.21 -5.88
C TYR B 354 -14.31 -0.02 -6.31
N GLN B 355 -15.20 0.85 -5.85
CA GLN B 355 -16.61 0.77 -6.17
C GLN B 355 -17.14 2.11 -6.69
N PHE B 356 -17.81 2.05 -7.84
CA PHE B 356 -18.44 3.22 -8.43
C PHE B 356 -19.80 2.88 -9.04
N VAL B 357 -20.62 3.90 -9.22
CA VAL B 357 -21.90 3.75 -9.92
C VAL B 357 -22.03 4.81 -11.02
N ILE B 358 -22.54 4.40 -12.18
CA ILE B 358 -22.75 5.28 -13.32
C ILE B 358 -24.25 5.33 -13.61
N PRO B 359 -24.82 6.55 -13.74
CA PRO B 359 -26.24 6.71 -14.04
C PRO B 359 -26.72 5.82 -15.18
N THR B 360 -27.94 5.30 -15.05
CA THR B 360 -28.52 4.33 -15.99
C THR B 360 -28.39 4.74 -17.45
N GLU B 361 -28.70 6.01 -17.75
CA GLU B 361 -28.71 6.52 -19.13
C GLU B 361 -27.33 6.52 -19.80
N ALA B 362 -26.29 6.69 -19.00
CA ALA B 362 -24.90 6.68 -19.49
C ALA B 362 -24.36 5.26 -19.60
N VAL B 363 -25.12 4.40 -20.27
CA VAL B 363 -24.80 2.97 -20.43
C VAL B 363 -23.56 2.75 -21.32
N ASP B 364 -23.43 3.54 -22.38
CA ASP B 364 -22.28 3.47 -23.29
C ASP B 364 -20.99 3.87 -22.60
N GLU B 365 -21.11 4.82 -21.66
CA GLU B 365 -19.98 5.30 -20.89
C GLU B 365 -19.53 4.30 -19.83
N PHE B 366 -20.48 3.52 -19.33
CA PHE B 366 -20.16 2.40 -18.43
C PHE B 366 -19.40 1.32 -19.19
N LYS B 367 -19.89 1.00 -20.39
CA LYS B 367 -19.22 0.05 -21.28
C LYS B 367 -17.75 0.39 -21.50
N LYS B 368 -17.52 1.67 -21.81
CA LYS B 368 -16.17 2.19 -22.06
C LYS B 368 -15.24 2.04 -20.85
N ILE B 369 -15.75 2.34 -19.66
CA ILE B 369 -14.98 2.22 -18.42
C ILE B 369 -14.57 0.76 -18.17
N ILE B 370 -15.47 -0.18 -18.47
CA ILE B 370 -15.18 -1.61 -18.39
C ILE B 370 -14.10 -2.00 -19.40
N GLY B 371 -14.19 -1.41 -20.61
CA GLY B 371 -13.17 -1.59 -21.63
C GLY B 371 -11.82 -1.06 -21.19
N VAL B 372 -11.83 0.10 -20.55
CA VAL B 372 -10.61 0.74 -20.02
C VAL B 372 -9.97 -0.10 -18.90
N ILE B 373 -10.81 -0.75 -18.09
CA ILE B 373 -10.32 -1.59 -16.98
C ILE B 373 -9.58 -2.85 -17.46
N GLN B 374 -10.16 -3.57 -18.42
CA GLN B 374 -9.52 -4.80 -18.91
C GLN B 374 -8.26 -4.52 -19.72
N ALA B 375 -8.23 -3.38 -20.38
CA ALA B 375 -7.10 -2.98 -21.22
C ALA B 375 -5.99 -2.32 -20.41
N SER B 376 -6.27 -2.03 -19.15
CA SER B 376 -5.33 -1.33 -18.26
C SER B 376 -4.17 -2.19 -17.80
N GLY B 377 -4.33 -3.51 -17.89
CA GLY B 377 -3.33 -4.44 -17.39
C GLY B 377 -3.51 -4.78 -15.92
N HIS B 378 -4.38 -4.02 -15.25
CA HIS B 378 -4.73 -4.28 -13.85
C HIS B 378 -5.88 -5.25 -13.80
N TYR B 379 -5.57 -6.49 -13.40
CA TYR B 379 -6.55 -7.57 -13.44
C TYR B 379 -7.27 -7.76 -12.11
N SER B 380 -8.60 -7.69 -12.16
CA SER B 380 -9.44 -7.88 -10.99
C SER B 380 -10.31 -9.13 -11.16
N PHE B 381 -10.17 -10.07 -10.24
CA PHE B 381 -10.88 -11.35 -10.31
C PHE B 381 -12.23 -11.33 -9.59
N LEU B 382 -12.33 -10.54 -8.53
CA LEU B 382 -13.54 -10.45 -7.71
C LEU B 382 -14.34 -9.22 -8.09
N ASN B 383 -15.30 -9.39 -8.99
CA ASN B 383 -16.08 -8.28 -9.53
C ASN B 383 -17.59 -8.44 -9.34
N VAL B 384 -18.17 -7.60 -8.50
CA VAL B 384 -19.61 -7.64 -8.23
C VAL B 384 -20.34 -6.55 -9.02
N PHE B 385 -21.24 -6.98 -9.89
CA PHE B 385 -22.04 -6.08 -10.73
C PHE B 385 -23.50 -6.06 -10.27
N LYS B 386 -24.12 -4.89 -10.34
CA LYS B 386 -25.52 -4.72 -9.95
C LYS B 386 -26.12 -3.44 -10.53
N LEU B 387 -27.37 -3.51 -10.96
CA LEU B 387 -28.13 -2.32 -11.35
C LEU B 387 -28.92 -1.81 -10.14
N PHE B 388 -28.59 -0.59 -9.70
CA PHE B 388 -29.29 0.04 -8.57
C PHE B 388 -30.66 0.58 -8.97
N GLY B 389 -31.58 0.61 -8.00
CA GLY B 389 -32.90 1.21 -8.20
C GLY B 389 -32.92 2.67 -7.78
N PRO B 390 -34.12 3.24 -7.57
CA PRO B 390 -34.28 4.65 -7.18
C PRO B 390 -33.51 4.99 -5.90
N ARG B 391 -33.06 6.24 -5.81
CA ARG B 391 -32.32 6.73 -4.64
C ARG B 391 -33.27 7.21 -3.53
N ASN B 392 -32.71 7.49 -2.36
CA ASN B 392 -33.46 8.08 -1.26
C ASN B 392 -33.09 9.56 -1.06
N GLN B 393 -33.76 10.22 -0.13
CA GLN B 393 -33.58 11.68 0.07
C GLN B 393 -32.35 12.07 0.89
N ALA B 394 -31.52 11.10 1.26
CA ALA B 394 -30.28 11.38 1.98
C ALA B 394 -29.25 12.03 1.05
N PRO B 395 -28.77 13.24 1.40
CA PRO B 395 -27.86 14.03 0.56
C PRO B 395 -26.54 13.33 0.19
N LEU B 396 -25.95 12.59 1.13
CA LEU B 396 -24.67 11.93 0.88
C LEU B 396 -24.77 10.42 0.64
N SER B 397 -25.99 9.94 0.37
CA SER B 397 -26.22 8.54 0.06
C SER B 397 -25.53 8.15 -1.25
N PHE B 398 -24.75 7.07 -1.21
CA PHE B 398 -23.99 6.62 -2.38
C PHE B 398 -24.84 6.15 -3.58
N PRO B 399 -25.82 5.26 -3.35
CA PRO B 399 -26.51 4.68 -4.51
C PRO B 399 -27.44 5.65 -5.27
N ILE B 400 -27.31 5.63 -6.59
CA ILE B 400 -28.23 6.31 -7.50
C ILE B 400 -28.65 5.29 -8.57
N PRO B 401 -29.79 5.52 -9.26
CA PRO B 401 -30.17 4.57 -10.31
C PRO B 401 -29.07 4.40 -11.35
N GLY B 402 -28.61 3.17 -11.54
CA GLY B 402 -27.59 2.90 -12.54
C GLY B 402 -26.67 1.72 -12.29
N TRP B 403 -25.57 1.70 -13.03
CA TRP B 403 -24.67 0.56 -13.08
C TRP B 403 -23.62 0.63 -12.00
N ASN B 404 -23.74 -0.27 -11.03
CA ASN B 404 -22.83 -0.35 -9.91
C ASN B 404 -21.89 -1.55 -10.04
N ILE B 405 -20.60 -1.30 -9.84
CA ILE B 405 -19.61 -2.37 -9.87
C ILE B 405 -18.53 -2.19 -8.81
N CYS B 406 -18.15 -3.31 -8.19
CA CYS B 406 -17.08 -3.33 -7.21
CA CYS B 406 -17.09 -3.34 -7.20
C CYS B 406 -15.95 -4.22 -7.71
N VAL B 407 -14.77 -3.63 -7.84
CA VAL B 407 -13.60 -4.37 -8.31
C VAL B 407 -12.50 -4.38 -7.24
N ASP B 408 -11.68 -5.43 -7.27
CA ASP B 408 -10.62 -5.61 -6.30
C ASP B 408 -9.28 -5.74 -7.02
N PHE B 409 -8.49 -4.66 -6.99
CA PHE B 409 -7.20 -4.63 -7.67
C PHE B 409 -6.05 -5.02 -6.74
N PRO B 410 -5.16 -5.93 -7.21
CA PRO B 410 -3.92 -6.19 -6.47
C PRO B 410 -2.97 -5.01 -6.63
N ILE B 411 -2.37 -4.57 -5.52
CA ILE B 411 -1.48 -3.41 -5.54
C ILE B 411 -0.28 -3.63 -6.46
N LYS B 412 -0.23 -2.84 -7.52
CA LYS B 412 0.83 -2.92 -8.52
C LYS B 412 1.37 -1.52 -8.85
N ASP B 413 2.26 -1.46 -9.84
CA ASP B 413 2.86 -0.20 -10.28
C ASP B 413 1.83 0.60 -11.09
N GLY B 414 1.71 1.89 -10.75
CA GLY B 414 0.81 2.80 -11.46
C GLY B 414 -0.67 2.57 -11.19
N LEU B 415 -0.98 1.76 -10.19
CA LEU B 415 -2.37 1.48 -9.82
C LEU B 415 -3.02 2.74 -9.26
N GLY B 416 -2.28 3.48 -8.45
CA GLY B 416 -2.75 4.74 -7.86
C GLY B 416 -3.12 5.78 -8.89
N LYS B 417 -2.32 5.88 -9.95
CA LYS B 417 -2.57 6.84 -11.02
C LYS B 417 -3.67 6.37 -11.99
N PHE B 418 -3.83 5.05 -12.11
CA PHE B 418 -4.90 4.50 -12.94
C PHE B 418 -6.28 4.70 -12.30
N VAL B 419 -6.38 4.47 -10.99
CA VAL B 419 -7.64 4.67 -10.28
C VAL B 419 -8.03 6.15 -10.19
N SER B 420 -7.03 7.03 -10.26
CA SER B 420 -7.27 8.48 -10.34
C SER B 420 -7.87 8.87 -11.69
N GLU B 421 -7.44 8.17 -12.74
CA GLU B 421 -8.04 8.34 -14.07
C GLU B 421 -9.47 7.81 -14.09
N LEU B 422 -9.70 6.73 -13.35
CA LEU B 422 -11.03 6.15 -13.19
C LEU B 422 -11.97 7.12 -12.49
N ASP B 423 -11.49 7.73 -11.41
CA ASP B 423 -12.22 8.78 -10.68
C ASP B 423 -12.78 9.82 -11.64
N ARG B 424 -11.92 10.30 -12.53
CA ARG B 424 -12.25 11.39 -13.45
C ARG B 424 -13.24 10.97 -14.53
N ARG B 425 -13.18 9.70 -14.94
CA ARG B 425 -14.16 9.13 -15.87
C ARG B 425 -15.53 9.03 -15.20
N VAL B 426 -15.53 8.43 -14.00
CA VAL B 426 -16.74 8.30 -13.17
C VAL B 426 -17.34 9.68 -12.90
N LEU B 427 -16.47 10.66 -12.66
CA LEU B 427 -16.86 12.05 -12.43
C LEU B 427 -17.49 12.70 -13.66
N GLU B 428 -16.91 12.46 -14.83
CA GLU B 428 -17.40 13.02 -16.09
C GLU B 428 -18.86 12.69 -16.38
N PHE B 429 -19.26 11.46 -16.12
CA PHE B 429 -20.55 10.96 -16.55
C PHE B 429 -21.55 10.80 -15.39
N GLY B 430 -21.45 11.69 -14.40
CA GLY B 430 -22.44 11.82 -13.34
C GLY B 430 -22.44 10.76 -12.26
N GLY B 431 -21.38 9.96 -12.20
CA GLY B 431 -21.27 8.88 -11.23
C GLY B 431 -20.60 9.29 -9.94
N ARG B 432 -20.44 8.34 -9.02
CA ARG B 432 -19.80 8.61 -7.73
C ARG B 432 -19.08 7.39 -7.13
N LEU B 433 -18.20 7.68 -6.17
CA LEU B 433 -17.52 6.66 -5.38
C LEU B 433 -18.20 6.49 -4.03
N TYR B 434 -17.99 5.32 -3.41
CA TYR B 434 -18.58 4.99 -2.12
C TYR B 434 -17.56 5.28 -1.02
N THR B 435 -17.98 6.05 -0.01
CA THR B 435 -17.08 6.42 1.10
C THR B 435 -16.56 5.20 1.86
N ALA B 436 -17.39 4.15 1.94
CA ALA B 436 -17.04 2.92 2.64
C ALA B 436 -15.90 2.15 1.94
N LYS B 437 -15.50 2.59 0.76
CA LYS B 437 -14.41 1.97 0.00
C LYS B 437 -13.23 2.92 -0.19
N ASP B 438 -13.39 4.17 0.26
CA ASP B 438 -12.45 5.24 -0.09
C ASP B 438 -11.59 5.76 1.05
N SER B 439 -10.29 5.85 0.78
CA SER B 439 -9.34 6.56 1.66
C SER B 439 -8.30 7.31 0.82
N ARG B 440 -8.63 7.54 -0.46
CA ARG B 440 -7.65 8.06 -1.42
C ARG B 440 -8.08 9.32 -2.17
N THR B 441 -9.35 9.40 -2.57
CA THR B 441 -9.82 10.49 -3.44
C THR B 441 -9.74 11.88 -2.79
N THR B 442 -9.80 12.92 -3.61
CA THR B 442 -9.69 14.30 -3.13
C THR B 442 -11.06 14.89 -2.81
N ALA B 443 -11.06 15.96 -2.01
CA ALA B 443 -12.28 16.68 -1.64
C ALA B 443 -13.04 17.21 -2.84
N GLU B 444 -12.31 17.72 -3.84
CA GLU B 444 -12.91 18.32 -5.02
C GLU B 444 -13.71 17.33 -5.88
N THR B 445 -13.15 16.14 -6.10
CA THR B 445 -13.87 15.11 -6.85
C THR B 445 -15.07 14.60 -6.05
N PHE B 446 -14.91 14.49 -4.74
CA PHE B 446 -16.02 14.09 -3.87
C PHE B 446 -17.16 15.11 -3.88
N HIS B 447 -16.82 16.38 -3.71
CA HIS B 447 -17.81 17.48 -3.73
C HIS B 447 -18.55 17.57 -5.02
N ALA B 448 -17.84 17.33 -6.13
CA ALA B 448 -18.44 17.34 -7.46
C ALA B 448 -19.32 16.10 -7.72
N MET B 449 -18.98 15.00 -7.07
CA MET B 449 -19.74 13.74 -7.19
C MET B 449 -21.07 13.80 -6.44
N TYR B 450 -21.12 14.61 -5.38
CA TYR B 450 -22.29 14.74 -4.53
C TYR B 450 -22.78 16.19 -4.52
N PRO B 451 -23.56 16.61 -5.53
CA PRO B 451 -23.98 18.02 -5.67
C PRO B 451 -24.82 18.54 -4.51
N ARG B 452 -25.31 17.65 -3.65
CA ARG B 452 -26.08 18.03 -2.48
C ARG B 452 -25.23 18.13 -1.22
N VAL B 453 -23.91 18.13 -1.39
CA VAL B 453 -22.97 18.19 -0.25
C VAL B 453 -23.06 19.50 0.54
N ASP B 454 -23.22 20.61 -0.17
CA ASP B 454 -23.32 21.93 0.47
C ASP B 454 -24.56 22.03 1.34
N GLU B 455 -25.66 21.46 0.86
CA GLU B 455 -26.90 21.34 1.61
C GLU B 455 -26.67 20.48 2.87
N TRP B 456 -25.90 19.42 2.72
CA TRP B 456 -25.57 18.53 3.83
C TRP B 456 -24.72 19.22 4.87
N ILE B 457 -23.75 20.01 4.41
CA ILE B 457 -22.84 20.75 5.31
C ILE B 457 -23.59 21.79 6.14
N SER B 458 -24.57 22.46 5.54
CA SER B 458 -25.38 23.46 6.26
C SER B 458 -26.15 22.84 7.42
N VAL B 459 -26.68 21.63 7.21
CA VAL B 459 -27.33 20.85 8.26
C VAL B 459 -26.30 20.42 9.30
N ARG B 460 -25.13 19.99 8.81
CA ARG B 460 -24.01 19.57 9.64
C ARG B 460 -23.48 20.68 10.55
N ARG B 461 -23.41 21.90 10.01
CA ARG B 461 -22.97 23.08 10.78
C ARG B 461 -24.00 23.49 11.82
N LYS B 462 -25.27 23.32 11.48
CA LYS B 462 -26.39 23.67 12.35
C LYS B 462 -26.46 22.79 13.61
N VAL B 463 -25.98 21.56 13.49
CA VAL B 463 -26.07 20.59 14.59
C VAL B 463 -24.72 20.36 15.31
N ASP B 464 -23.63 20.74 14.66
CA ASP B 464 -22.29 20.65 15.26
C ASP B 464 -21.46 21.88 14.89
N PRO B 465 -21.75 23.04 15.53
CA PRO B 465 -21.03 24.29 15.21
C PRO B 465 -19.55 24.23 15.58
N LEU B 466 -19.24 23.62 16.72
CA LEU B 466 -17.89 23.62 17.29
C LEU B 466 -17.01 22.46 16.79
N ARG B 467 -17.51 21.70 15.82
CA ARG B 467 -16.81 20.54 15.24
C ARG B 467 -16.39 19.51 16.29
N VAL B 468 -17.34 19.12 17.13
CA VAL B 468 -17.12 18.10 18.16
C VAL B 468 -16.97 16.73 17.51
N PHE B 469 -17.61 16.55 16.36
CA PHE B 469 -17.53 15.29 15.62
C PHE B 469 -16.68 15.44 14.36
N ALA B 470 -15.58 14.70 14.33
CA ALA B 470 -14.60 14.79 13.25
C ALA B 470 -13.87 13.47 13.05
N SER B 471 -13.33 13.29 11.85
CA SER B 471 -12.62 12.06 11.49
C SER B 471 -11.56 12.34 10.42
N ASP B 472 -10.71 11.34 10.16
CA ASP B 472 -9.71 11.43 9.10
C ASP B 472 -10.35 11.72 7.74
N MET B 473 -11.46 11.05 7.44
CA MET B 473 -12.20 11.28 6.19
C MET B 473 -12.77 12.70 6.12
N ALA B 474 -13.32 13.16 7.24
CA ALA B 474 -13.93 14.49 7.32
C ALA B 474 -12.95 15.60 6.98
N ARG B 475 -11.72 15.49 7.49
CA ARG B 475 -10.67 16.47 7.21
C ARG B 475 -10.15 16.35 5.78
N ARG B 476 -9.96 15.12 5.32
CA ARG B 476 -9.45 14.84 3.96
C ARG B 476 -10.42 15.29 2.88
N LEU B 477 -11.72 15.07 3.10
CA LEU B 477 -12.73 15.41 2.11
C LEU B 477 -13.44 16.74 2.40
N GLU B 478 -12.94 17.47 3.40
CA GLU B 478 -13.49 18.77 3.82
C GLU B 478 -15.00 18.70 4.08
N LEU B 479 -15.36 17.99 5.16
CA LEU B 479 -16.76 17.83 5.54
C LEU B 479 -17.06 18.45 6.90
N LEU B 480 -16.03 19.04 7.51
CA LEU B 480 -16.19 19.79 8.77
C LEU B 480 -17.00 21.06 8.55
#